data_9MWP
#
_entry.id   9MWP
#
_cell.length_a   61.617
_cell.length_b   109.407
_cell.length_c   152.661
_cell.angle_alpha   90.00
_cell.angle_beta   90.00
_cell.angle_gamma   90.00
#
_symmetry.space_group_name_H-M   'P 21 21 21'
#
loop_
_entity.id
_entity.type
_entity.pdbx_description
1 polymer 'Nitric oxide synthase 3'
2 non-polymer 'PROTOPORPHYRIN IX CONTAINING FE'
3 non-polymer 5,6,7,8-TETRAHYDROBIOPTERIN
4 non-polymer N-[3-({[2-(4-{[(E)-(furan-3-yl)(imino)methyl]amino}phenyl)ethyl]amino}methyl)phenyl]furan-3-carboximidamide
5 non-polymer 'ACETATE ION'
6 non-polymer 2-[BIS-(2-HYDROXY-ETHYL)-AMINO]-2-HYDROXYMETHYL-PROPANE-1,3-DIOL
7 non-polymer GLYCEROL
8 non-polymer 'GADOLINIUM ATOM'
9 non-polymer 'ZINC ION'
10 water water
#
_entity_poly.entity_id   1
_entity_poly.type   'polypeptide(L)'
_entity_poly.pdbx_seq_one_letter_code
;APASLLPPAPEHSPPSSPLTQPPEGPKFPRVKNWEVGSITYDTLSAQAQQDGPCTPRRCLGSLVFPRKLQGRPSPGPPAP
EQLLSQARDFINQYYSSIKRSGSQAHEQRLQEVEAEVAATGTYQLRESELVFGAKQAWRNAPRCVGRIQWGKLQVFDARD
CRSAQEMFTYICNHIKYATNRGNLRSAITVFPQRCPGRGDFRIWNSQLVRYAGYRQQDGSVRGDPANVEITELCIQHGWT
PGNGRFDVLPLLLQAPDEPPELFLLPPELVLEVPLEHPTLEWFAALGLRWYALPAVSNMLLEIGGLEFPAAPFSGWYMST
EIGTRNLCDPHRYNILEDVAVCMDLDTRTTSSLWKDKAAVEINVAVLHSYQLAKVTIVDHHAATASFMKHLENEQKARGG
CPADWAWIVPPISGSLTPVFHQEMVNYFLSPAFRYQPDPWK
;
_entity_poly.pdbx_strand_id   A,B
#
loop_
_chem_comp.id
_chem_comp.type
_chem_comp.name
_chem_comp.formula
A1BT1 non-polymer N-[3-({[2-(4-{[(E)-(furan-3-yl)(imino)methyl]amino}phenyl)ethyl]amino}methyl)phenyl]furan-3-carboximidamide 'C25 H25 N5 O2'
ACT non-polymer 'ACETATE ION' 'C2 H3 O2 -1'
BTB non-polymer 2-[BIS-(2-HYDROXY-ETHYL)-AMINO]-2-HYDROXYMETHYL-PROPANE-1,3-DIOL 'C8 H19 N O5'
GD non-polymer 'GADOLINIUM ATOM' Gd
GOL non-polymer GLYCEROL 'C3 H8 O3'
H4B non-polymer 5,6,7,8-TETRAHYDROBIOPTERIN 'C9 H15 N5 O3'
HEM non-polymer 'PROTOPORPHYRIN IX CONTAINING FE' 'C34 H32 Fe N4 O4'
ZN non-polymer 'ZINC ION' 'Zn 2'
#
# COMPACT_ATOMS: atom_id res chain seq x y z
N LYS A 27 15.04 -11.63 14.64
CA LYS A 27 14.41 -12.95 14.71
C LYS A 27 13.80 -13.32 13.36
N PHE A 28 12.70 -14.04 13.40
CA PHE A 28 11.91 -14.20 12.19
C PHE A 28 10.69 -13.30 12.27
N PRO A 29 10.41 -12.51 11.25
CA PRO A 29 9.25 -11.62 11.31
C PRO A 29 7.95 -12.39 11.51
N ARG A 30 7.19 -11.98 12.50
CA ARG A 30 5.84 -12.47 12.69
C ARG A 30 4.93 -11.75 11.70
N VAL A 31 4.09 -12.53 11.02
CA VAL A 31 3.26 -12.04 9.92
C VAL A 31 1.81 -12.39 10.22
N LYS A 32 0.95 -11.40 10.26
CA LYS A 32 -0.43 -11.60 10.67
C LYS A 32 -1.40 -11.30 9.53
N ASN A 33 -2.42 -12.14 9.40
CA ASN A 33 -3.57 -11.84 8.58
C ASN A 33 -4.65 -11.25 9.47
N TRP A 34 -5.05 -10.02 9.21
CA TRP A 34 -5.95 -9.31 10.09
C TRP A 34 -7.42 -9.61 9.83
N GLU A 35 -7.74 -10.29 8.74
CA GLU A 35 -9.11 -10.71 8.49
C GLU A 35 -9.46 -11.97 9.26
N VAL A 36 -8.52 -12.92 9.34
CA VAL A 36 -8.76 -14.18 10.03
C VAL A 36 -7.95 -14.31 11.32
N GLY A 37 -6.91 -13.50 11.51
CA GLY A 37 -6.16 -13.54 12.74
C GLY A 37 -5.05 -14.56 12.75
N SER A 38 -4.76 -15.19 11.61
CA SER A 38 -3.75 -16.23 11.56
C SER A 38 -2.35 -15.63 11.49
N ILE A 39 -1.42 -16.28 12.17
CA ILE A 39 -0.04 -15.81 12.31
C ILE A 39 0.89 -16.79 11.61
N THR A 40 1.82 -16.27 10.82
CA THR A 40 2.94 -17.08 10.35
C THR A 40 4.23 -16.36 10.68
N TYR A 41 5.33 -17.12 10.62
CA TYR A 41 6.66 -16.57 10.77
C TYR A 41 7.39 -16.76 9.45
N ASP A 42 7.99 -15.69 8.94
CA ASP A 42 8.68 -15.74 7.66
C ASP A 42 10.13 -16.08 7.93
N THR A 43 10.44 -17.38 7.90
CA THR A 43 11.81 -17.83 8.05
C THR A 43 12.60 -17.74 6.75
N LEU A 44 11.91 -17.64 5.61
CA LEU A 44 12.62 -17.51 4.34
C LEU A 44 13.36 -16.18 4.23
N SER A 45 12.83 -15.11 4.85
CA SER A 45 13.46 -13.81 4.75
C SER A 45 14.89 -13.80 5.28
N ALA A 46 15.24 -14.76 6.15
CA ALA A 46 16.61 -14.85 6.64
C ALA A 46 17.61 -15.23 5.55
N GLN A 47 17.13 -15.72 4.41
CA GLN A 47 18.00 -16.04 3.30
C GLN A 47 18.08 -14.93 2.27
N ALA A 48 17.56 -13.75 2.58
CA ALA A 48 17.54 -12.65 1.62
C ALA A 48 18.97 -12.28 1.23
N GLN A 49 19.24 -12.29 -0.07
CA GLN A 49 20.58 -11.99 -0.58
C GLN A 49 20.85 -10.50 -0.54
N GLN A 50 20.43 -9.78 -1.58
CA GLN A 50 20.72 -8.35 -1.68
C GLN A 50 19.92 -7.57 -0.64
N ASP A 51 20.37 -6.34 -0.39
CA ASP A 51 19.72 -5.46 0.55
C ASP A 51 18.69 -4.58 -0.16
N GLY A 52 17.60 -4.28 0.53
CA GLY A 52 16.62 -3.35 0.06
C GLY A 52 16.93 -1.94 0.54
N PRO A 53 16.01 -1.01 0.31
CA PRO A 53 16.28 0.40 0.62
C PRO A 53 15.94 0.82 2.04
N CYS A 54 15.29 -0.03 2.83
CA CYS A 54 14.81 0.39 4.15
C CYS A 54 15.92 0.27 5.19
N THR A 55 15.80 1.05 6.24
CA THR A 55 16.65 0.95 7.43
C THR A 55 15.76 1.07 8.65
N PRO A 56 16.30 0.81 9.84
CA PRO A 56 15.48 1.06 11.04
C PRO A 56 15.04 2.51 11.18
N ARG A 57 15.75 3.46 10.58
CA ARG A 57 15.37 4.86 10.71
C ARG A 57 14.19 5.24 9.82
N ARG A 58 14.06 4.66 8.64
CA ARG A 58 12.97 5.04 7.77
C ARG A 58 12.70 3.95 6.74
N CYS A 59 11.41 3.73 6.48
CA CYS A 59 10.97 2.75 5.52
C CYS A 59 10.82 3.41 4.16
N LEU A 60 11.40 2.78 3.14
CA LEU A 60 11.25 3.25 1.76
C LEU A 60 10.53 2.22 0.90
N GLY A 61 9.66 1.42 1.55
CA GLY A 61 8.96 0.36 0.84
C GLY A 61 8.10 0.86 -0.31
N SER A 62 7.69 2.12 -0.30
CA SER A 62 6.81 2.63 -1.34
C SER A 62 7.56 3.15 -2.56
N LEU A 63 8.89 3.10 -2.57
CA LEU A 63 9.61 3.64 -3.70
C LEU A 63 9.58 2.65 -4.85
N VAL A 64 9.29 3.15 -6.04
CA VAL A 64 9.21 2.30 -7.22
C VAL A 64 10.56 1.66 -7.49
N PHE A 65 11.61 2.48 -7.51
CA PHE A 65 12.95 1.97 -7.75
C PHE A 65 13.66 1.90 -6.41
N PRO A 66 13.73 0.72 -5.77
CA PRO A 66 14.41 0.64 -4.46
C PRO A 66 15.89 0.95 -4.57
N ARG A 67 16.21 2.01 -5.31
CA ARG A 67 17.57 2.47 -5.60
C ARG A 67 18.36 1.43 -6.37
N LYS A 68 19.55 1.83 -6.84
CA LYS A 68 20.56 1.02 -7.53
C LYS A 68 20.40 1.04 -9.04
N LEU A 69 20.91 -0.01 -9.70
CA LEU A 69 20.56 -0.57 -11.01
C LEU A 69 21.70 -1.49 -11.47
N GLN A 70 22.17 -1.39 -12.71
CA GLN A 70 22.95 -2.46 -13.31
C GLN A 70 24.08 -1.93 -14.20
N GLY A 71 25.16 -2.71 -14.29
CA GLY A 71 26.22 -2.51 -15.25
C GLY A 71 27.09 -3.74 -15.43
N ALA A 79 35.18 -10.52 -10.33
CA ALA A 79 35.76 -11.47 -9.38
C ALA A 79 35.16 -12.86 -9.57
N PRO A 80 36.00 -13.85 -9.84
CA PRO A 80 35.50 -15.24 -9.90
C PRO A 80 34.94 -15.71 -8.57
N GLU A 81 35.48 -15.19 -7.46
CA GLU A 81 35.00 -15.58 -6.13
C GLU A 81 33.53 -15.28 -5.98
N GLN A 82 33.11 -14.07 -6.35
CA GLN A 82 31.71 -13.69 -6.20
C GLN A 82 30.81 -14.51 -7.12
N LEU A 83 31.25 -14.74 -8.36
CA LEU A 83 30.44 -15.52 -9.29
C LEU A 83 30.34 -16.98 -8.84
N LEU A 84 31.47 -17.56 -8.42
CA LEU A 84 31.45 -18.94 -7.95
C LEU A 84 30.55 -19.08 -6.72
N SER A 85 30.59 -18.10 -5.82
CA SER A 85 29.72 -18.15 -4.64
C SER A 85 28.25 -18.17 -5.04
N GLN A 86 27.85 -17.31 -5.97
CA GLN A 86 26.46 -17.31 -6.37
C GLN A 86 26.12 -18.57 -7.16
N ALA A 87 27.05 -19.05 -7.99
CA ALA A 87 26.80 -20.25 -8.76
C ALA A 87 26.56 -21.45 -7.84
N ARG A 88 27.43 -21.61 -6.84
CA ARG A 88 27.29 -22.74 -5.92
C ARG A 88 25.98 -22.66 -5.14
N ASP A 89 25.67 -21.48 -4.59
CA ASP A 89 24.39 -21.34 -3.89
C ASP A 89 23.23 -21.70 -4.80
N PHE A 90 23.31 -21.34 -6.08
CA PHE A 90 22.23 -21.66 -6.99
C PHE A 90 22.18 -23.16 -7.30
N ILE A 91 23.34 -23.76 -7.59
CA ILE A 91 23.38 -25.20 -7.83
C ILE A 91 22.88 -25.95 -6.61
N ASN A 92 23.28 -25.50 -5.41
CA ASN A 92 22.79 -26.12 -4.19
C ASN A 92 21.29 -25.99 -4.06
N GLN A 93 20.76 -24.79 -4.35
CA GLN A 93 19.32 -24.57 -4.40
C GLN A 93 18.64 -25.57 -5.33
N TYR A 94 19.17 -25.68 -6.54
CA TYR A 94 18.56 -26.56 -7.53
C TYR A 94 18.56 -28.01 -7.05
N TYR A 95 19.71 -28.51 -6.60
CA TYR A 95 19.77 -29.91 -6.21
C TYR A 95 18.97 -30.17 -4.95
N SER A 96 18.80 -29.17 -4.09
CA SER A 96 17.87 -29.32 -2.97
CA SER A 96 17.87 -29.33 -2.97
C SER A 96 16.43 -29.44 -3.48
N SER A 97 16.09 -28.64 -4.49
CA SER A 97 14.71 -28.63 -4.96
C SER A 97 14.30 -29.96 -5.56
N ILE A 98 15.26 -30.71 -6.13
CA ILE A 98 14.97 -31.99 -6.75
C ILE A 98 15.38 -33.16 -5.86
N LYS A 99 15.68 -32.90 -4.59
CA LYS A 99 15.96 -33.91 -3.57
C LYS A 99 17.23 -34.70 -3.89
N ARG A 100 18.23 -34.02 -4.44
CA ARG A 100 19.48 -34.66 -4.78
C ARG A 100 20.68 -33.95 -4.15
N SER A 101 20.46 -33.21 -3.05
CA SER A 101 21.57 -32.59 -2.35
C SER A 101 22.54 -33.64 -1.85
N GLY A 102 23.83 -33.35 -1.98
CA GLY A 102 24.86 -34.27 -1.59
C GLY A 102 25.02 -35.47 -2.50
N SER A 103 24.19 -35.61 -3.53
CA SER A 103 24.32 -36.77 -4.40
C SER A 103 25.59 -36.67 -5.25
N GLN A 104 25.89 -37.75 -5.96
CA GLN A 104 27.01 -37.71 -6.89
C GLN A 104 26.77 -36.68 -7.99
N ALA A 105 25.54 -36.64 -8.53
CA ALA A 105 25.22 -35.67 -9.57
C ALA A 105 25.37 -34.25 -9.06
N HIS A 106 25.01 -34.01 -7.80
CA HIS A 106 25.19 -32.69 -7.21
C HIS A 106 26.67 -32.32 -7.15
N GLU A 107 27.49 -33.23 -6.64
CA GLU A 107 28.93 -32.97 -6.55
C GLU A 107 29.54 -32.78 -7.92
N GLN A 108 29.15 -33.63 -8.88
CA GLN A 108 29.68 -33.52 -10.24
C GLN A 108 29.33 -32.16 -10.85
N ARG A 109 28.12 -31.67 -10.60
CA ARG A 109 27.75 -30.40 -11.19
C ARG A 109 28.53 -29.25 -10.56
N LEU A 110 28.70 -29.28 -9.23
CA LEU A 110 29.53 -28.28 -8.55
C LEU A 110 30.93 -28.24 -9.15
N GLN A 111 31.55 -29.41 -9.36
CA GLN A 111 32.88 -29.46 -9.94
C GLN A 111 32.90 -28.95 -11.38
N GLU A 112 31.86 -29.26 -12.16
CA GLU A 112 31.80 -28.74 -13.52
C GLU A 112 31.79 -27.23 -13.54
N VAL A 113 30.97 -26.64 -12.67
CA VAL A 113 30.85 -25.18 -12.62
C VAL A 113 32.17 -24.57 -12.18
N GLU A 114 32.74 -25.09 -11.10
CA GLU A 114 34.03 -24.61 -10.62
C GLU A 114 35.07 -24.68 -11.73
N ALA A 115 35.09 -25.79 -12.48
CA ALA A 115 36.06 -25.95 -13.56
C ALA A 115 35.77 -25.00 -14.71
N GLU A 116 34.51 -24.73 -15.00
CA GLU A 116 34.19 -23.82 -16.09
C GLU A 116 34.60 -22.38 -15.75
N VAL A 117 34.33 -21.94 -14.53
CA VAL A 117 34.70 -20.58 -14.13
C VAL A 117 36.21 -20.41 -14.10
N ALA A 118 36.93 -21.44 -13.64
CA ALA A 118 38.39 -21.35 -13.61
C ALA A 118 38.97 -21.29 -15.01
N ALA A 119 38.30 -21.93 -15.97
CA ALA A 119 38.79 -21.96 -17.34
C ALA A 119 38.32 -20.76 -18.15
N THR A 120 37.09 -20.30 -17.93
CA THR A 120 36.48 -19.30 -18.79
C THR A 120 36.05 -18.02 -18.08
N GLY A 121 36.12 -17.99 -16.75
CA GLY A 121 35.59 -16.87 -15.99
C GLY A 121 34.08 -16.84 -15.86
N THR A 122 33.36 -17.71 -16.55
CA THR A 122 31.91 -17.80 -16.41
C THR A 122 31.52 -19.27 -16.55
N TYR A 123 30.22 -19.54 -16.61
CA TYR A 123 29.77 -20.90 -16.80
C TYR A 123 28.46 -20.90 -17.55
N GLN A 124 28.03 -22.10 -17.90
CA GLN A 124 26.83 -22.32 -18.71
C GLN A 124 25.84 -23.11 -17.88
N LEU A 125 24.60 -22.67 -17.87
CA LEU A 125 23.53 -23.42 -17.23
C LEU A 125 23.13 -24.61 -18.10
N ARG A 126 22.96 -25.77 -17.49
CA ARG A 126 22.21 -26.81 -18.16
C ARG A 126 20.79 -26.32 -18.41
N GLU A 127 20.14 -26.88 -19.43
CA GLU A 127 18.80 -26.39 -19.75
C GLU A 127 17.85 -26.58 -18.58
N SER A 128 17.96 -27.71 -17.88
CA SER A 128 17.12 -27.93 -16.71
C SER A 128 17.32 -26.83 -15.66
N GLU A 129 18.56 -26.40 -15.47
CA GLU A 129 18.85 -25.33 -14.51
C GLU A 129 18.29 -24.00 -14.98
N LEU A 130 18.32 -23.74 -16.29
CA LEU A 130 17.75 -22.51 -16.82
C LEU A 130 16.25 -22.44 -16.51
N VAL A 131 15.53 -23.50 -16.84
CA VAL A 131 14.09 -23.57 -16.58
C VAL A 131 13.82 -23.36 -15.10
N PHE A 132 14.56 -24.09 -14.24
CA PHE A 132 14.41 -23.92 -12.80
C PHE A 132 14.69 -22.48 -12.40
N GLY A 133 15.78 -21.92 -12.95
CA GLY A 133 16.13 -20.56 -12.61
C GLY A 133 15.07 -19.56 -13.02
N ALA A 134 14.55 -19.69 -14.25
CA ALA A 134 13.50 -18.78 -14.69
C ALA A 134 12.26 -18.88 -13.80
N LYS A 135 11.87 -20.11 -13.45
CA LYS A 135 10.67 -20.27 -12.62
C LYS A 135 10.89 -19.73 -11.22
N GLN A 136 12.08 -19.95 -10.64
CA GLN A 136 12.36 -19.39 -9.32
C GLN A 136 12.38 -17.87 -9.34
N ALA A 137 12.92 -17.28 -10.41
CA ALA A 137 12.96 -15.83 -10.48
C ALA A 137 11.54 -15.26 -10.46
N TRP A 138 10.62 -15.92 -11.14
CA TRP A 138 9.22 -15.51 -11.09
C TRP A 138 8.65 -15.74 -9.69
N ARG A 139 8.86 -16.94 -9.15
CA ARG A 139 8.45 -17.26 -7.80
C ARG A 139 8.96 -16.21 -6.79
N ASN A 140 10.16 -15.68 -7.03
CA ASN A 140 10.78 -14.78 -6.07
C ASN A 140 10.36 -13.34 -6.25
N ALA A 141 9.56 -13.02 -7.28
CA ALA A 141 9.27 -11.63 -7.64
C ALA A 141 8.28 -11.05 -6.64
N PRO A 142 8.72 -10.14 -5.76
CA PRO A 142 7.83 -9.69 -4.68
C PRO A 142 6.64 -8.89 -5.16
N ARG A 143 6.70 -8.29 -6.34
CA ARG A 143 5.60 -7.45 -6.82
C ARG A 143 4.62 -8.20 -7.72
N CYS A 144 4.81 -9.50 -7.94
CA CYS A 144 3.94 -10.24 -8.83
C CYS A 144 2.82 -10.91 -8.05
N VAL A 145 1.59 -10.48 -8.31
CA VAL A 145 0.42 -11.13 -7.71
C VAL A 145 0.05 -12.41 -8.41
N GLY A 146 0.65 -12.71 -9.57
CA GLY A 146 0.24 -13.89 -10.33
C GLY A 146 1.05 -15.14 -10.05
N ARG A 147 1.80 -15.16 -8.96
CA ARG A 147 2.79 -16.21 -8.77
C ARG A 147 2.20 -17.58 -8.41
N ILE A 148 0.88 -17.70 -8.18
CA ILE A 148 0.30 -19.05 -8.05
C ILE A 148 0.62 -19.87 -9.29
N GLN A 149 0.87 -19.21 -10.41
CA GLN A 149 1.17 -19.84 -11.68
C GLN A 149 2.64 -20.19 -11.87
N TRP A 150 3.50 -19.95 -10.86
CA TRP A 150 4.94 -19.90 -11.12
C TRP A 150 5.51 -21.21 -11.65
N GLY A 151 4.89 -22.34 -11.32
CA GLY A 151 5.43 -23.61 -11.80
C GLY A 151 5.06 -23.94 -13.22
N LYS A 152 4.23 -23.14 -13.85
CA LYS A 152 3.74 -23.38 -15.20
C LYS A 152 4.30 -22.25 -16.07
N LEU A 153 5.44 -22.51 -16.70
CA LEU A 153 6.16 -21.47 -17.41
C LEU A 153 6.90 -22.14 -18.56
N GLN A 154 6.53 -21.80 -19.80
CA GLN A 154 7.28 -22.29 -20.94
C GLN A 154 8.57 -21.49 -21.07
N VAL A 155 9.69 -22.19 -21.14
CA VAL A 155 10.99 -21.53 -21.19
C VAL A 155 11.58 -21.84 -22.56
N PHE A 156 11.72 -20.81 -23.38
CA PHE A 156 12.33 -20.97 -24.69
C PHE A 156 13.79 -20.58 -24.55
N ASP A 157 14.67 -21.52 -24.88
CA ASP A 157 16.11 -21.32 -24.73
C ASP A 157 16.62 -20.68 -26.01
N ALA A 158 16.90 -19.38 -25.96
CA ALA A 158 17.46 -18.68 -27.12
C ALA A 158 18.90 -18.27 -26.86
N ARG A 159 19.64 -19.06 -26.08
CA ARG A 159 21.00 -18.68 -25.71
C ARG A 159 21.99 -18.89 -26.83
N ASP A 160 21.57 -19.55 -27.90
CA ASP A 160 22.36 -19.69 -29.12
C ASP A 160 22.18 -18.50 -30.06
N CYS A 161 21.33 -17.54 -29.70
CA CYS A 161 20.97 -16.46 -30.61
C CYS A 161 22.19 -15.61 -30.95
N ARG A 162 22.27 -15.17 -32.20
CA ARG A 162 23.44 -14.47 -32.72
C ARG A 162 23.14 -13.09 -33.28
N SER A 163 21.97 -12.86 -33.85
CA SER A 163 21.67 -11.61 -34.53
C SER A 163 20.34 -11.06 -34.05
N ALA A 164 20.17 -9.75 -34.25
CA ALA A 164 18.88 -9.11 -34.00
C ALA A 164 17.79 -9.76 -34.81
N GLN A 165 18.08 -10.10 -36.06
CA GLN A 165 17.11 -10.79 -36.90
C GLN A 165 16.67 -12.10 -36.28
N GLU A 166 17.62 -12.88 -35.75
CA GLU A 166 17.27 -14.11 -35.06
C GLU A 166 16.54 -13.82 -33.76
N MET A 167 16.94 -12.75 -33.06
CA MET A 167 16.19 -12.33 -31.88
C MET A 167 14.73 -12.07 -32.25
N PHE A 168 14.49 -11.43 -33.40
CA PHE A 168 13.12 -11.17 -33.83
C PHE A 168 12.35 -12.47 -34.08
N THR A 169 12.99 -13.45 -34.70
CA THR A 169 12.32 -14.73 -34.93
C THR A 169 11.93 -15.38 -33.62
N TYR A 170 12.88 -15.48 -32.68
CA TYR A 170 12.55 -15.98 -31.34
C TYR A 170 11.41 -15.20 -30.70
N ILE A 171 11.42 -13.87 -30.84
CA ILE A 171 10.38 -13.06 -30.20
C ILE A 171 9.02 -13.34 -30.83
N CYS A 172 8.98 -13.48 -32.15
CA CYS A 172 7.71 -13.75 -32.80
C CYS A 172 7.17 -15.12 -32.41
N ASN A 173 8.05 -16.13 -32.36
CA ASN A 173 7.62 -17.45 -31.93
C ASN A 173 7.13 -17.43 -30.50
N HIS A 174 7.82 -16.67 -29.63
CA HIS A 174 7.33 -16.46 -28.28
C HIS A 174 5.92 -15.89 -28.29
N ILE A 175 5.73 -14.79 -29.02
CA ILE A 175 4.42 -14.14 -29.03
C ILE A 175 3.37 -15.10 -29.55
N LYS A 176 3.69 -15.86 -30.59
CA LYS A 176 2.70 -16.78 -31.15
C LYS A 176 2.35 -17.87 -30.15
N TYR A 177 3.37 -18.50 -29.54
CA TYR A 177 3.10 -19.51 -28.53
C TYR A 177 2.29 -18.93 -27.37
N ALA A 178 2.74 -17.81 -26.81
CA ALA A 178 2.12 -17.27 -25.61
C ALA A 178 0.70 -16.77 -25.90
N THR A 179 0.48 -16.20 -27.08
CA THR A 179 -0.85 -15.70 -27.39
C THR A 179 -1.81 -16.86 -27.60
N ASN A 180 -1.41 -17.85 -28.39
CA ASN A 180 -2.16 -19.09 -28.50
C ASN A 180 -3.63 -18.80 -28.81
N ARG A 181 -3.84 -17.84 -29.72
CA ARG A 181 -5.17 -17.44 -30.18
C ARG A 181 -6.10 -17.02 -29.04
N GLY A 182 -5.54 -16.43 -27.98
CA GLY A 182 -6.32 -15.93 -26.88
C GLY A 182 -6.21 -16.76 -25.62
N ASN A 183 -5.83 -18.04 -25.76
CA ASN A 183 -5.67 -18.93 -24.61
C ASN A 183 -4.23 -18.78 -24.12
N LEU A 184 -3.99 -17.65 -23.45
CA LEU A 184 -2.63 -17.21 -23.16
C LEU A 184 -1.88 -18.24 -22.32
N ARG A 185 -0.62 -18.46 -22.67
CA ARG A 185 0.27 -19.36 -21.94
C ARG A 185 1.49 -18.59 -21.49
N SER A 186 1.86 -18.74 -20.22
CA SER A 186 3.04 -18.05 -19.71
C SER A 186 4.30 -18.58 -20.35
N ALA A 187 5.18 -17.67 -20.75
CA ALA A 187 6.39 -18.09 -21.42
C ALA A 187 7.48 -17.08 -21.15
N ILE A 188 8.71 -17.54 -21.27
CA ILE A 188 9.87 -16.67 -21.21
C ILE A 188 10.83 -17.14 -22.27
N THR A 189 11.45 -16.19 -22.96
CA THR A 189 12.50 -16.52 -23.91
C THR A 189 13.80 -15.94 -23.38
N VAL A 190 14.82 -16.79 -23.24
CA VAL A 190 16.07 -16.41 -22.62
C VAL A 190 17.12 -16.27 -23.70
N PHE A 191 17.60 -15.07 -23.90
CA PHE A 191 18.66 -14.78 -24.86
C PHE A 191 20.01 -14.93 -24.19
N PRO A 192 21.11 -14.90 -24.96
CA PRO A 192 22.43 -15.19 -24.39
C PRO A 192 22.76 -14.30 -23.19
N GLN A 193 23.48 -14.88 -22.23
CA GLN A 193 23.86 -14.18 -21.02
C GLN A 193 24.89 -13.10 -21.31
N ARG A 194 24.94 -12.11 -20.42
CA ARG A 194 26.01 -11.14 -20.46
C ARG A 194 27.35 -11.85 -20.28
N CYS A 195 28.38 -11.36 -20.97
CA CYS A 195 29.71 -11.90 -20.79
C CYS A 195 30.72 -10.79 -20.94
N PRO A 196 31.89 -10.93 -20.32
CA PRO A 196 32.93 -9.89 -20.42
C PRO A 196 33.32 -9.62 -21.86
N GLY A 197 33.61 -8.35 -22.14
CA GLY A 197 34.15 -7.98 -23.44
C GLY A 197 33.20 -8.20 -24.59
N ARG A 198 31.89 -8.08 -24.36
CA ARG A 198 30.89 -8.24 -25.40
C ARG A 198 29.63 -7.53 -24.93
N GLY A 199 28.99 -6.79 -25.83
CA GLY A 199 27.78 -6.09 -25.47
C GLY A 199 26.65 -7.04 -25.17
N ASP A 200 25.61 -6.50 -24.54
CA ASP A 200 24.43 -7.29 -24.22
C ASP A 200 23.47 -7.36 -25.40
N PHE A 201 22.74 -8.47 -25.47
CA PHE A 201 21.46 -8.44 -26.15
C PHE A 201 20.52 -7.58 -25.34
N ARG A 202 19.79 -6.69 -26.00
CA ARG A 202 18.79 -5.88 -25.31
C ARG A 202 17.57 -5.72 -26.21
N ILE A 203 16.40 -5.87 -25.63
CA ILE A 203 15.17 -5.38 -26.22
C ILE A 203 14.93 -3.99 -25.66
N TRP A 204 14.92 -2.98 -26.53
CA TRP A 204 14.81 -1.62 -26.03
C TRP A 204 13.41 -1.31 -25.51
N ASN A 205 12.38 -1.89 -26.13
CA ASN A 205 11.01 -1.65 -25.70
C ASN A 205 10.79 -2.27 -24.33
N SER A 206 9.95 -1.61 -23.51
CA SER A 206 9.71 -2.10 -22.16
C SER A 206 8.79 -3.31 -22.18
N GLN A 207 7.94 -3.41 -23.18
CA GLN A 207 7.11 -4.57 -23.43
C GLN A 207 7.17 -4.88 -24.93
N LEU A 208 6.88 -6.14 -25.27
CA LEU A 208 6.87 -6.48 -26.69
C LEU A 208 5.74 -5.77 -27.43
N VAL A 209 4.62 -5.50 -26.74
CA VAL A 209 3.53 -4.73 -27.31
C VAL A 209 3.40 -3.44 -26.52
N ARG A 210 3.51 -2.32 -27.21
CA ARG A 210 3.39 -0.99 -26.63
C ARG A 210 2.72 -0.11 -27.66
N TYR A 211 1.83 0.75 -27.20
CA TYR A 211 1.21 1.74 -28.08
C TYR A 211 2.05 3.01 -28.11
N ALA A 212 2.17 3.59 -29.30
CA ALA A 212 2.95 4.80 -29.49
C ALA A 212 2.38 5.94 -28.66
N GLY A 213 3.27 6.81 -28.20
CA GLY A 213 2.85 8.05 -27.59
C GLY A 213 3.48 9.16 -28.37
N TYR A 214 2.68 10.07 -28.94
CA TYR A 214 3.18 11.13 -29.79
C TYR A 214 3.06 12.46 -29.07
N ARG A 215 4.19 13.14 -28.90
CA ARG A 215 4.18 14.45 -28.26
C ARG A 215 3.51 15.47 -29.19
N GLN A 216 2.49 16.17 -28.70
CA GLN A 216 1.82 17.17 -29.50
C GLN A 216 2.52 18.53 -29.35
N GLN A 217 2.16 19.47 -30.24
CA GLN A 217 2.85 20.76 -30.26
C GLN A 217 2.62 21.54 -28.98
N ASP A 218 1.50 21.32 -28.31
CA ASP A 218 1.19 21.98 -27.04
C ASP A 218 1.72 21.24 -25.83
N GLY A 219 2.50 20.18 -26.03
CA GLY A 219 3.05 19.41 -24.94
C GLY A 219 2.23 18.21 -24.53
N SER A 220 0.98 18.10 -24.98
CA SER A 220 0.18 16.93 -24.65
C SER A 220 0.70 15.72 -25.41
N VAL A 221 0.12 14.55 -25.12
CA VAL A 221 0.49 13.31 -25.78
C VAL A 221 -0.74 12.73 -26.47
N ARG A 222 -0.56 12.27 -27.69
CA ARG A 222 -1.53 11.40 -28.35
C ARG A 222 -1.04 9.97 -28.22
N GLY A 223 -1.91 9.09 -27.73
CA GLY A 223 -1.49 7.72 -27.49
C GLY A 223 -1.05 7.55 -26.04
N ASP A 224 -0.14 6.63 -25.79
CA ASP A 224 0.23 6.27 -24.43
C ASP A 224 1.40 7.14 -23.97
N PRO A 225 1.18 8.06 -23.03
CA PRO A 225 2.30 8.86 -22.51
C PRO A 225 3.44 8.03 -21.91
N ALA A 226 3.16 6.82 -21.43
CA ALA A 226 4.26 6.00 -20.92
C ALA A 226 5.31 5.70 -21.98
N ASN A 227 4.95 5.79 -23.26
CA ASN A 227 5.80 5.31 -24.34
C ASN A 227 6.32 6.43 -25.23
N VAL A 228 6.28 7.68 -24.77
CA VAL A 228 6.76 8.79 -25.60
C VAL A 228 8.24 8.59 -25.93
N GLU A 229 9.05 8.21 -24.94
CA GLU A 229 10.48 8.11 -25.18
C GLU A 229 10.81 7.00 -26.17
N ILE A 230 10.23 5.80 -25.98
CA ILE A 230 10.50 4.71 -26.90
C ILE A 230 9.95 5.02 -28.30
N THR A 231 8.81 5.73 -28.36
CA THR A 231 8.24 6.10 -29.66
C THR A 231 9.20 7.03 -30.41
N GLU A 232 9.79 8.00 -29.72
CA GLU A 232 10.73 8.90 -30.38
C GLU A 232 12.00 8.16 -30.80
N LEU A 233 12.45 7.21 -29.98
CA LEU A 233 13.60 6.39 -30.37
C LEU A 233 13.29 5.58 -31.62
N CYS A 234 12.08 5.03 -31.72
CA CYS A 234 11.67 4.33 -32.93
C CYS A 234 11.70 5.26 -34.14
N ILE A 235 11.14 6.48 -33.97
CA ILE A 235 11.15 7.45 -35.06
C ILE A 235 12.58 7.82 -35.43
N GLN A 236 13.45 7.97 -34.43
CA GLN A 236 14.85 8.27 -34.69
C GLN A 236 15.50 7.19 -35.55
N HIS A 237 15.22 5.92 -35.24
CA HIS A 237 15.80 4.80 -35.96
C HIS A 237 14.97 4.40 -37.18
N GLY A 238 14.26 5.35 -37.79
CA GLY A 238 13.71 5.16 -39.12
C GLY A 238 12.29 4.68 -39.19
N TRP A 239 11.57 4.64 -38.07
CA TRP A 239 10.17 4.22 -38.09
C TRP A 239 9.30 5.36 -38.58
N THR A 240 8.45 5.07 -39.55
CA THR A 240 7.44 6.03 -39.96
C THR A 240 6.29 5.98 -38.96
N PRO A 241 6.07 7.02 -38.17
CA PRO A 241 5.03 6.96 -37.15
C PRO A 241 3.64 7.04 -37.76
N GLY A 242 2.68 6.50 -37.02
CA GLY A 242 1.28 6.74 -37.29
C GLY A 242 0.85 8.01 -36.61
N ASN A 243 -0.46 8.16 -36.45
CA ASN A 243 -0.97 9.26 -35.63
C ASN A 243 -2.25 8.88 -34.91
N GLY A 244 -2.37 7.60 -34.53
CA GLY A 244 -3.51 7.13 -33.77
C GLY A 244 -3.21 7.06 -32.27
N ARG A 245 -4.24 6.66 -31.52
CA ARG A 245 -4.12 6.51 -30.08
C ARG A 245 -3.62 5.14 -29.67
N PHE A 246 -3.64 4.17 -30.58
CA PHE A 246 -3.28 2.79 -30.27
C PHE A 246 -2.43 2.20 -31.38
N ASP A 247 -1.41 2.93 -31.82
CA ASP A 247 -0.48 2.41 -32.82
C ASP A 247 0.52 1.47 -32.15
N VAL A 248 0.52 0.20 -32.56
CA VAL A 248 1.49 -0.76 -32.02
C VAL A 248 2.89 -0.40 -32.49
N LEU A 249 3.81 -0.22 -31.54
CA LEU A 249 5.15 0.22 -31.87
C LEU A 249 5.95 -0.92 -32.48
N PRO A 250 6.95 -0.59 -33.31
CA PRO A 250 7.91 -1.62 -33.72
C PRO A 250 8.84 -1.95 -32.57
N LEU A 251 9.61 -3.01 -32.77
CA LEU A 251 10.60 -3.44 -31.78
C LEU A 251 11.97 -2.90 -32.18
N LEU A 252 12.69 -2.39 -31.19
CA LEU A 252 14.10 -2.04 -31.34
C LEU A 252 14.91 -3.14 -30.66
N LEU A 253 15.56 -3.97 -31.46
CA LEU A 253 16.29 -5.12 -30.97
C LEU A 253 17.78 -4.86 -31.14
N GLN A 254 18.54 -5.09 -30.06
CA GLN A 254 19.96 -4.80 -30.03
C GLN A 254 20.72 -6.09 -29.84
N ALA A 255 21.46 -6.46 -30.81
CA ALA A 255 22.43 -7.52 -30.78
C ALA A 255 23.76 -6.97 -30.25
N PRO A 256 24.61 -7.83 -29.69
CA PRO A 256 25.82 -7.32 -29.04
C PRO A 256 26.64 -6.39 -29.93
N ASP A 257 26.91 -5.20 -29.41
CA ASP A 257 27.78 -4.19 -30.00
C ASP A 257 27.22 -3.59 -31.29
N GLU A 258 26.01 -3.87 -31.61
CA GLU A 258 25.37 -3.25 -32.76
C GLU A 258 24.37 -2.20 -32.31
N PRO A 259 24.08 -1.22 -33.14
CA PRO A 259 22.93 -0.34 -32.88
C PRO A 259 21.65 -1.15 -32.89
N PRO A 260 20.59 -0.67 -32.26
CA PRO A 260 19.32 -1.39 -32.32
C PRO A 260 18.76 -1.40 -33.73
N GLU A 261 18.08 -2.49 -34.06
CA GLU A 261 17.48 -2.68 -35.37
C GLU A 261 15.97 -2.65 -35.24
N LEU A 262 15.31 -1.97 -36.17
CA LEU A 262 13.85 -1.84 -36.13
C LEU A 262 13.21 -3.07 -36.74
N PHE A 263 12.21 -3.63 -36.05
CA PHE A 263 11.42 -4.74 -36.57
C PHE A 263 9.94 -4.45 -36.36
N LEU A 264 9.17 -4.56 -37.43
CA LEU A 264 7.72 -4.40 -37.35
C LEU A 264 7.09 -5.72 -36.93
N LEU A 265 6.30 -5.72 -35.88
CA LEU A 265 5.53 -6.92 -35.56
C LEU A 265 4.47 -7.13 -36.63
N PRO A 266 4.36 -8.33 -37.22
CA PRO A 266 3.23 -8.61 -38.10
C PRO A 266 1.92 -8.43 -37.35
N PRO A 267 0.99 -7.63 -37.88
CA PRO A 267 -0.22 -7.31 -37.11
C PRO A 267 -1.04 -8.54 -36.73
N GLU A 268 -0.98 -9.62 -37.51
CA GLU A 268 -1.68 -10.84 -37.12
C GLU A 268 -1.02 -11.53 -35.94
N LEU A 269 0.20 -11.14 -35.58
CA LEU A 269 0.82 -11.65 -34.37
C LEU A 269 0.33 -10.91 -33.14
N VAL A 270 -0.21 -9.72 -33.28
CA VAL A 270 -0.50 -8.86 -32.14
C VAL A 270 -2.00 -8.88 -31.91
N LEU A 271 -2.45 -9.80 -31.05
CA LEU A 271 -3.86 -9.90 -30.73
C LEU A 271 -4.27 -8.72 -29.85
N GLU A 272 -5.31 -8.02 -30.28
CA GLU A 272 -5.85 -6.88 -29.55
C GLU A 272 -7.32 -7.10 -29.28
N VAL A 273 -7.80 -6.45 -28.22
CA VAL A 273 -9.20 -6.59 -27.79
C VAL A 273 -9.85 -5.21 -27.85
N PRO A 274 -10.80 -4.99 -28.76
CA PRO A 274 -11.57 -3.74 -28.72
C PRO A 274 -12.46 -3.74 -27.50
N LEU A 275 -12.54 -2.59 -26.84
CA LEU A 275 -13.23 -2.54 -25.57
C LEU A 275 -14.68 -2.15 -25.78
N GLU A 276 -15.58 -2.94 -25.23
CA GLU A 276 -17.00 -2.64 -25.21
C GLU A 276 -17.50 -2.88 -23.80
N HIS A 277 -18.69 -2.38 -23.51
CA HIS A 277 -19.28 -2.52 -22.19
C HIS A 277 -20.57 -3.34 -22.29
N PRO A 278 -20.84 -4.22 -21.33
CA PRO A 278 -22.02 -5.10 -21.47
C PRO A 278 -23.33 -4.35 -21.56
N THR A 279 -23.42 -3.15 -20.99
CA THR A 279 -24.72 -2.47 -20.97
C THR A 279 -24.63 -1.03 -21.47
N LEU A 280 -23.46 -0.41 -21.37
CA LEU A 280 -23.25 0.95 -21.84
C LEU A 280 -22.92 0.87 -23.33
N GLU A 281 -23.95 1.03 -24.16
CA GLU A 281 -23.80 0.75 -25.59
C GLU A 281 -22.86 1.74 -26.26
N TRP A 282 -22.75 2.96 -25.74
CA TRP A 282 -21.83 3.95 -26.30
C TRP A 282 -20.37 3.65 -26.00
N PHE A 283 -20.07 2.73 -25.07
CA PHE A 283 -18.68 2.55 -24.67
C PHE A 283 -17.84 2.08 -25.83
N ALA A 284 -18.39 1.18 -26.65
CA ALA A 284 -17.65 0.68 -27.82
C ALA A 284 -17.25 1.83 -28.74
N ALA A 285 -18.08 2.86 -28.86
CA ALA A 285 -17.77 3.93 -29.80
C ALA A 285 -16.56 4.74 -29.38
N LEU A 286 -16.16 4.65 -28.09
CA LEU A 286 -14.96 5.33 -27.63
C LEU A 286 -13.71 4.81 -28.33
N GLY A 287 -13.78 3.66 -28.98
CA GLY A 287 -12.63 3.15 -29.70
C GLY A 287 -11.48 2.75 -28.82
N LEU A 288 -11.73 2.46 -27.56
CA LEU A 288 -10.65 1.98 -26.70
C LEU A 288 -10.30 0.54 -27.02
N ARG A 289 -9.05 0.20 -26.81
CA ARG A 289 -8.61 -1.15 -27.05
C ARG A 289 -7.43 -1.41 -26.14
N TRP A 290 -7.10 -2.68 -25.97
CA TRP A 290 -5.81 -3.01 -25.42
C TRP A 290 -5.35 -4.31 -26.06
N TYR A 291 -4.11 -4.66 -25.79
CA TYR A 291 -3.57 -5.87 -26.40
C TYR A 291 -3.70 -7.03 -25.43
N ALA A 292 -3.74 -8.23 -26.01
CA ALA A 292 -3.94 -9.44 -25.23
C ALA A 292 -2.72 -9.76 -24.37
N LEU A 293 -1.52 -9.53 -24.89
CA LEU A 293 -0.33 -10.17 -24.34
C LEU A 293 0.55 -9.17 -23.61
N PRO A 294 0.61 -9.22 -22.27
CA PRO A 294 1.60 -8.44 -21.54
C PRO A 294 2.91 -9.22 -21.53
N ALA A 295 3.93 -8.65 -22.18
CA ALA A 295 5.20 -9.34 -22.38
C ALA A 295 6.29 -8.35 -22.01
N VAL A 296 6.87 -8.50 -20.82
CA VAL A 296 7.82 -7.55 -20.29
C VAL A 296 9.19 -7.85 -20.86
N SER A 297 9.82 -6.85 -21.44
CA SER A 297 11.03 -7.09 -22.22
C SER A 297 12.26 -6.31 -21.76
N ASN A 298 12.18 -5.53 -20.69
CA ASN A 298 13.32 -4.73 -20.27
C ASN A 298 13.90 -5.12 -18.92
N MET A 299 13.51 -6.26 -18.37
CA MET A 299 14.06 -6.64 -17.07
C MET A 299 15.21 -7.63 -17.26
N LEU A 300 16.13 -7.62 -16.30
CA LEU A 300 17.26 -8.52 -16.30
C LEU A 300 16.93 -9.75 -15.47
N LEU A 301 17.21 -10.92 -16.02
CA LEU A 301 17.04 -12.20 -15.32
C LEU A 301 18.40 -12.64 -14.79
N GLU A 302 18.46 -12.86 -13.48
CA GLU A 302 19.70 -13.21 -12.82
C GLU A 302 19.54 -14.61 -12.25
N ILE A 303 20.42 -15.51 -12.65
CA ILE A 303 20.41 -16.90 -12.19
C ILE A 303 21.83 -17.29 -11.86
N GLY A 304 22.07 -17.65 -10.59
CA GLY A 304 23.37 -18.17 -10.20
C GLY A 304 24.53 -17.29 -10.59
N GLY A 305 24.36 -15.97 -10.47
CA GLY A 305 25.40 -15.03 -10.85
C GLY A 305 25.43 -14.68 -12.33
N LEU A 306 24.81 -15.48 -13.19
CA LEU A 306 24.73 -15.14 -14.60
C LEU A 306 23.63 -14.12 -14.82
N GLU A 307 23.83 -13.26 -15.80
CA GLU A 307 22.88 -12.19 -16.05
C GLU A 307 22.38 -12.28 -17.48
N PHE A 308 21.06 -12.28 -17.63
CA PHE A 308 20.41 -12.34 -18.94
C PHE A 308 19.69 -11.03 -19.13
N PRO A 309 20.32 -10.03 -19.76
CA PRO A 309 19.69 -8.71 -19.91
C PRO A 309 18.52 -8.70 -20.86
N ALA A 310 18.37 -9.75 -21.68
CA ALA A 310 17.26 -9.88 -22.61
C ALA A 310 16.63 -11.24 -22.33
N ALA A 311 15.49 -11.22 -21.63
CA ALA A 311 14.77 -12.43 -21.28
C ALA A 311 13.30 -12.09 -21.14
N PRO A 312 12.63 -11.72 -22.24
CA PRO A 312 11.25 -11.27 -22.16
C PRO A 312 10.33 -12.38 -21.66
N PHE A 313 9.42 -12.02 -20.75
CA PHE A 313 8.49 -12.95 -20.16
C PHE A 313 7.08 -12.43 -20.34
N SER A 314 6.13 -13.36 -20.43
CA SER A 314 4.75 -12.99 -20.66
C SER A 314 3.83 -13.91 -19.86
N GLY A 315 2.69 -13.37 -19.48
CA GLY A 315 1.66 -14.16 -18.86
C GLY A 315 0.34 -13.71 -19.43
N TRP A 316 -0.55 -13.26 -18.56
CA TRP A 316 -1.75 -12.60 -19.01
C TRP A 316 -2.03 -11.46 -18.05
N TYR A 317 -2.99 -10.65 -18.40
CA TYR A 317 -3.27 -9.44 -17.64
C TYR A 317 -4.18 -9.72 -16.45
N MET A 318 -3.95 -9.00 -15.37
CA MET A 318 -4.98 -8.74 -14.38
C MET A 318 -5.70 -7.46 -14.83
N SER A 319 -7.04 -7.48 -14.79
CA SER A 319 -7.82 -6.48 -15.51
C SER A 319 -7.59 -5.06 -14.99
N THR A 320 -7.24 -4.89 -13.71
CA THR A 320 -6.98 -3.55 -13.17
C THR A 320 -5.76 -2.90 -13.84
N GLU A 321 -4.79 -3.70 -14.27
CA GLU A 321 -3.67 -3.15 -15.02
C GLU A 321 -4.15 -2.34 -16.21
N ILE A 322 -5.15 -2.85 -16.92
CA ILE A 322 -5.67 -2.16 -18.10
C ILE A 322 -6.69 -1.12 -17.70
N GLY A 323 -7.74 -1.55 -17.01
CA GLY A 323 -8.88 -0.68 -16.79
C GLY A 323 -8.59 0.42 -15.80
N THR A 324 -7.78 0.14 -14.80
CA THR A 324 -7.50 1.14 -13.78
C THR A 324 -6.22 1.91 -14.09
N ARG A 325 -5.09 1.19 -14.22
CA ARG A 325 -3.84 1.92 -14.40
C ARG A 325 -3.69 2.45 -15.83
N ASN A 326 -3.70 1.56 -16.82
CA ASN A 326 -3.32 1.98 -18.17
C ASN A 326 -4.30 3.01 -18.72
N LEU A 327 -5.58 2.83 -18.45
CA LEU A 327 -6.58 3.71 -19.04
C LEU A 327 -6.98 4.87 -18.14
N CYS A 328 -6.86 4.74 -16.81
CA CYS A 328 -7.35 5.79 -15.91
C CYS A 328 -6.27 6.55 -15.18
N ASP A 329 -5.03 6.09 -15.16
CA ASP A 329 -3.97 6.91 -14.57
C ASP A 329 -3.97 8.28 -15.22
N PRO A 330 -3.81 9.36 -14.44
CA PRO A 330 -3.79 10.70 -15.04
C PRO A 330 -2.66 10.89 -16.01
N HIS A 331 -1.56 10.16 -15.83
CA HIS A 331 -0.37 10.24 -16.68
C HIS A 331 -0.32 9.10 -17.70
N ARG A 332 -1.41 8.36 -17.86
CA ARG A 332 -1.53 7.39 -18.93
C ARG A 332 -2.64 7.87 -19.86
N TYR A 333 -3.55 6.99 -20.31
CA TYR A 333 -4.57 7.48 -21.23
C TYR A 333 -5.56 8.45 -20.58
N ASN A 334 -5.73 8.40 -19.25
CA ASN A 334 -6.46 9.43 -18.53
C ASN A 334 -7.88 9.60 -19.05
N ILE A 335 -8.58 8.49 -19.28
CA ILE A 335 -9.91 8.53 -19.90
C ILE A 335 -11.04 8.61 -18.89
N LEU A 336 -10.73 8.67 -17.60
CA LEU A 336 -11.77 8.48 -16.59
C LEU A 336 -12.88 9.52 -16.74
N GLU A 337 -12.49 10.79 -16.92
CA GLU A 337 -13.52 11.83 -16.97
C GLU A 337 -14.31 11.76 -18.27
N ASP A 338 -13.67 11.33 -19.37
CA ASP A 338 -14.43 11.09 -20.60
C ASP A 338 -15.55 10.10 -20.35
N VAL A 339 -15.23 9.01 -19.68
CA VAL A 339 -16.22 7.97 -19.43
C VAL A 339 -17.28 8.49 -18.48
N ALA A 340 -16.88 9.27 -17.47
CA ALA A 340 -17.85 9.83 -16.55
C ALA A 340 -18.78 10.80 -17.25
N VAL A 341 -18.27 11.55 -18.23
CA VAL A 341 -19.14 12.39 -19.04
C VAL A 341 -20.18 11.53 -19.75
N CYS A 342 -19.74 10.43 -20.34
CA CYS A 342 -20.67 9.60 -21.10
C CYS A 342 -21.69 8.94 -20.18
N MET A 343 -21.33 8.70 -18.91
CA MET A 343 -22.25 8.10 -17.95
C MET A 343 -23.18 9.12 -17.31
N ASP A 344 -23.10 10.40 -17.70
CA ASP A 344 -23.94 11.45 -17.12
C ASP A 344 -23.72 11.59 -15.62
N LEU A 345 -22.49 11.39 -15.17
CA LEU A 345 -22.18 11.54 -13.76
C LEU A 345 -21.91 13.00 -13.42
N ASP A 346 -22.19 13.37 -12.17
CA ASP A 346 -21.90 14.70 -11.65
C ASP A 346 -20.40 14.81 -11.36
N THR A 347 -19.66 15.55 -12.19
CA THR A 347 -18.22 15.60 -12.08
C THR A 347 -17.68 16.89 -11.45
N ARG A 348 -18.51 17.69 -10.80
CA ARG A 348 -17.96 18.80 -10.02
C ARG A 348 -18.37 18.71 -8.56
N THR A 349 -18.45 17.49 -8.06
CA THR A 349 -18.41 17.26 -6.62
C THR A 349 -17.73 15.90 -6.44
N THR A 350 -16.62 15.88 -5.68
CA THR A 350 -15.91 14.63 -5.48
C THR A 350 -16.78 13.61 -4.76
N SER A 351 -17.74 14.06 -3.93
CA SER A 351 -18.42 13.12 -3.06
C SER A 351 -19.55 12.37 -3.76
N SER A 352 -19.82 12.66 -5.04
CA SER A 352 -20.67 11.80 -5.84
C SER A 352 -20.00 10.45 -6.13
N LEU A 353 -18.69 10.36 -5.88
CA LEU A 353 -17.86 9.19 -6.22
C LEU A 353 -17.92 8.88 -7.71
N TRP A 354 -17.99 9.93 -8.53
CA TRP A 354 -18.08 9.72 -9.97
C TRP A 354 -16.83 9.05 -10.52
N LYS A 355 -15.65 9.41 -9.97
CA LYS A 355 -14.43 8.73 -10.39
C LYS A 355 -14.51 7.24 -10.13
N ASP A 356 -14.99 6.86 -8.94
CA ASP A 356 -15.06 5.45 -8.58
C ASP A 356 -16.04 4.71 -9.48
N LYS A 357 -17.18 5.32 -9.78
CA LYS A 357 -18.18 4.65 -10.61
C LYS A 357 -17.69 4.49 -12.04
N ALA A 358 -17.07 5.53 -12.60
CA ALA A 358 -16.53 5.42 -13.95
C ALA A 358 -15.41 4.38 -14.00
N ALA A 359 -14.54 4.37 -12.98
CA ALA A 359 -13.45 3.41 -12.96
C ALA A 359 -13.96 1.98 -12.97
N VAL A 360 -14.98 1.70 -12.17
CA VAL A 360 -15.50 0.34 -12.09
C VAL A 360 -16.05 -0.08 -13.45
N GLU A 361 -16.81 0.80 -14.11
CA GLU A 361 -17.39 0.43 -15.39
C GLU A 361 -16.33 0.24 -16.45
N ILE A 362 -15.22 0.99 -16.37
CA ILE A 362 -14.12 0.75 -17.29
C ILE A 362 -13.52 -0.62 -17.04
N ASN A 363 -13.34 -0.98 -15.75
CA ASN A 363 -12.83 -2.32 -15.43
C ASN A 363 -13.82 -3.40 -15.84
N VAL A 364 -15.12 -3.16 -15.66
CA VAL A 364 -16.12 -4.07 -16.20
C VAL A 364 -15.96 -4.22 -17.71
N ALA A 365 -15.78 -3.11 -18.42
CA ALA A 365 -15.65 -3.17 -19.87
C ALA A 365 -14.44 -4.02 -20.27
N VAL A 366 -13.31 -3.83 -19.59
CA VAL A 366 -12.11 -4.62 -19.86
C VAL A 366 -12.40 -6.11 -19.67
N LEU A 367 -13.00 -6.46 -18.54
CA LEU A 367 -13.27 -7.87 -18.26
C LEU A 367 -14.25 -8.45 -19.27
N HIS A 368 -15.39 -7.77 -19.46
CA HIS A 368 -16.37 -8.21 -20.44
C HIS A 368 -15.74 -8.37 -21.81
N SER A 369 -14.89 -7.43 -22.21
CA SER A 369 -14.38 -7.42 -23.57
C SER A 369 -13.35 -8.51 -23.80
N TYR A 370 -12.50 -8.77 -22.80
CA TYR A 370 -11.53 -9.84 -22.92
C TYR A 370 -12.23 -11.20 -22.91
N GLN A 371 -13.24 -11.37 -22.05
CA GLN A 371 -13.98 -12.63 -22.04
C GLN A 371 -14.73 -12.84 -23.34
N LEU A 372 -15.32 -11.77 -23.86
CA LEU A 372 -16.01 -11.85 -25.14
C LEU A 372 -15.04 -12.23 -26.27
N ALA A 373 -13.84 -11.65 -26.27
CA ALA A 373 -12.85 -11.99 -27.27
C ALA A 373 -12.16 -13.32 -27.00
N LYS A 374 -12.52 -14.00 -25.90
CA LYS A 374 -11.88 -15.25 -25.50
C LYS A 374 -10.38 -15.07 -25.36
N VAL A 375 -10.00 -14.02 -24.61
CA VAL A 375 -8.60 -13.75 -24.27
C VAL A 375 -8.48 -13.84 -22.76
N THR A 376 -7.53 -14.66 -22.30
CA THR A 376 -7.31 -14.85 -20.87
C THR A 376 -7.12 -13.52 -20.17
N ILE A 377 -7.82 -13.37 -19.05
CA ILE A 377 -7.69 -12.20 -18.18
C ILE A 377 -8.18 -12.64 -16.81
N VAL A 378 -7.65 -12.01 -15.76
CA VAL A 378 -8.09 -12.35 -14.41
C VAL A 378 -8.50 -11.05 -13.73
N ASP A 379 -9.65 -11.08 -13.06
CA ASP A 379 -10.04 -9.91 -12.29
C ASP A 379 -9.25 -9.88 -10.98
N HIS A 380 -9.28 -8.72 -10.32
CA HIS A 380 -8.42 -8.51 -9.16
C HIS A 380 -8.89 -9.28 -7.95
N HIS A 381 -10.18 -9.59 -7.87
CA HIS A 381 -10.66 -10.49 -6.81
C HIS A 381 -10.10 -11.89 -6.99
N ALA A 382 -10.22 -12.46 -8.20
CA ALA A 382 -9.73 -13.81 -8.40
C ALA A 382 -8.21 -13.85 -8.25
N ALA A 383 -7.51 -12.84 -8.74
CA ALA A 383 -6.06 -12.85 -8.67
C ALA A 383 -5.57 -12.81 -7.23
N THR A 384 -6.16 -11.93 -6.43
CA THR A 384 -5.71 -11.80 -5.05
C THR A 384 -6.11 -13.02 -4.23
N ALA A 385 -7.24 -13.64 -4.55
CA ALA A 385 -7.60 -14.87 -3.85
C ALA A 385 -6.60 -15.98 -4.17
N SER A 386 -6.16 -16.05 -5.43
CA SER A 386 -5.15 -17.05 -5.77
CA SER A 386 -5.15 -17.05 -5.78
C SER A 386 -3.81 -16.71 -5.14
N PHE A 387 -3.53 -15.42 -4.96
CA PHE A 387 -2.29 -15.07 -4.31
C PHE A 387 -2.29 -15.44 -2.84
N MET A 388 -3.45 -15.37 -2.16
CA MET A 388 -3.50 -15.86 -0.79
C MET A 388 -3.20 -17.35 -0.75
N LYS A 389 -3.73 -18.09 -1.72
CA LYS A 389 -3.43 -19.52 -1.81
C LYS A 389 -1.93 -19.74 -2.06
N HIS A 390 -1.33 -18.90 -2.90
CA HIS A 390 0.11 -18.96 -3.12
C HIS A 390 0.88 -18.74 -1.82
N LEU A 391 0.48 -17.73 -1.04
CA LEU A 391 1.16 -17.46 0.23
C LEU A 391 1.09 -18.67 1.14
N GLU A 392 -0.06 -19.34 1.15
CA GLU A 392 -0.22 -20.55 1.95
C GLU A 392 0.69 -21.67 1.44
N ASN A 393 0.70 -21.89 0.13
CA ASN A 393 1.59 -22.89 -0.46
C ASN A 393 3.04 -22.60 -0.12
N GLU A 394 3.44 -21.32 -0.23
CA GLU A 394 4.84 -20.96 -0.01
C GLU A 394 5.24 -21.05 1.44
N GLN A 395 4.32 -20.75 2.36
CA GLN A 395 4.66 -20.89 3.77
C GLN A 395 5.05 -22.32 4.08
N LYS A 396 4.30 -23.28 3.52
CA LYS A 396 4.64 -24.69 3.69
C LYS A 396 5.87 -25.08 2.88
N ALA A 397 6.02 -24.51 1.68
CA ALA A 397 7.11 -24.95 0.81
C ALA A 397 8.45 -24.37 1.25
N ARG A 398 8.48 -23.08 1.55
CA ARG A 398 9.73 -22.37 1.81
C ARG A 398 9.78 -21.62 3.13
N GLY A 399 8.71 -21.64 3.91
CA GLY A 399 8.69 -20.88 5.15
C GLY A 399 8.44 -19.41 4.99
N GLY A 400 7.95 -18.97 3.84
CA GLY A 400 7.65 -17.57 3.64
C GLY A 400 7.49 -17.27 2.17
N CYS A 401 7.24 -15.99 1.91
CA CYS A 401 7.05 -15.54 0.55
C CYS A 401 7.33 -14.05 0.49
N PRO A 402 8.34 -13.62 -0.27
CA PRO A 402 8.57 -12.17 -0.42
C PRO A 402 7.40 -11.56 -1.18
N ALA A 403 6.83 -10.51 -0.60
CA ALA A 403 5.72 -9.83 -1.24
C ALA A 403 5.80 -8.34 -0.91
N ASP A 404 5.45 -7.52 -1.90
CA ASP A 404 5.49 -6.07 -1.82
C ASP A 404 4.03 -5.65 -1.71
N TRP A 405 3.59 -5.36 -0.49
CA TRP A 405 2.19 -5.06 -0.22
C TRP A 405 1.64 -4.03 -1.19
N ALA A 406 2.37 -2.93 -1.38
CA ALA A 406 1.88 -1.81 -2.17
C ALA A 406 1.57 -2.22 -3.61
N TRP A 407 2.29 -3.22 -4.14
CA TRP A 407 2.08 -3.69 -5.50
C TRP A 407 1.10 -4.86 -5.60
N ILE A 408 0.98 -5.66 -4.54
CA ILE A 408 0.09 -6.81 -4.58
C ILE A 408 -1.36 -6.37 -4.42
N VAL A 409 -1.61 -5.37 -3.58
CA VAL A 409 -2.95 -4.83 -3.36
C VAL A 409 -3.39 -4.08 -4.62
N PRO A 410 -4.52 -4.45 -5.23
CA PRO A 410 -4.92 -3.84 -6.49
C PRO A 410 -5.18 -2.35 -6.35
N PRO A 411 -5.14 -1.59 -7.46
CA PRO A 411 -5.27 -0.14 -7.39
C PRO A 411 -6.70 0.37 -7.26
N ILE A 412 -7.70 -0.51 -7.33
CA ILE A 412 -9.06 -0.21 -6.91
C ILE A 412 -9.47 -1.30 -5.93
N SER A 413 -10.44 -0.98 -5.09
CA SER A 413 -11.08 -1.94 -4.21
C SER A 413 -10.08 -2.70 -3.37
N GLY A 414 -8.99 -2.04 -2.98
CA GLY A 414 -7.95 -2.62 -2.16
C GLY A 414 -8.43 -3.48 -1.01
N SER A 415 -9.21 -2.92 -0.08
CA SER A 415 -9.59 -3.67 1.12
C SER A 415 -10.72 -4.63 0.85
N LEU A 416 -11.32 -4.59 -0.33
CA LEU A 416 -12.26 -5.62 -0.73
C LEU A 416 -11.55 -6.91 -1.13
N THR A 417 -10.22 -6.87 -1.27
CA THR A 417 -9.50 -8.07 -1.62
C THR A 417 -8.76 -8.59 -0.39
N PRO A 418 -8.53 -9.91 -0.31
CA PRO A 418 -7.95 -10.45 0.92
C PRO A 418 -6.52 -9.99 1.19
N VAL A 419 -5.74 -9.66 0.13
CA VAL A 419 -4.33 -9.31 0.33
C VAL A 419 -4.17 -8.03 1.14
N PHE A 420 -5.16 -7.14 1.10
CA PHE A 420 -5.10 -5.90 1.87
C PHE A 420 -4.92 -6.19 3.35
N HIS A 421 -5.55 -7.26 3.84
CA HIS A 421 -5.60 -7.57 5.25
C HIS A 421 -4.45 -8.48 5.68
N GLN A 422 -3.53 -8.75 4.76
CA GLN A 422 -2.43 -9.69 4.95
C GLN A 422 -1.14 -8.91 5.11
N GLU A 423 -0.50 -9.03 6.25
CA GLU A 423 0.83 -8.47 6.40
C GLU A 423 1.78 -9.24 5.48
N MET A 424 2.75 -8.52 4.93
CA MET A 424 3.69 -9.11 4.00
C MET A 424 5.10 -8.65 4.32
N VAL A 425 6.05 -9.52 4.01
CA VAL A 425 7.47 -9.25 4.21
C VAL A 425 8.11 -9.14 2.84
N ASN A 426 8.83 -8.06 2.59
CA ASN A 426 9.43 -7.81 1.28
C ASN A 426 10.94 -7.96 1.38
N TYR A 427 11.50 -8.83 0.55
CA TYR A 427 12.94 -9.04 0.53
C TYR A 427 13.34 -9.64 -0.81
N PHE A 428 14.64 -9.64 -1.06
CA PHE A 428 15.18 -9.97 -2.37
C PHE A 428 15.79 -11.36 -2.30
N LEU A 429 15.25 -12.28 -3.08
CA LEU A 429 15.85 -13.58 -3.29
C LEU A 429 16.35 -13.70 -4.72
N SER A 430 17.33 -14.58 -4.90
CA SER A 430 17.84 -14.94 -6.20
C SER A 430 17.56 -16.41 -6.45
N PRO A 431 17.28 -16.82 -7.70
CA PRO A 431 17.13 -16.06 -8.95
C PRO A 431 16.08 -14.96 -8.91
N ALA A 432 16.26 -13.96 -9.76
CA ALA A 432 15.44 -12.76 -9.68
C ALA A 432 15.28 -12.13 -11.05
N PHE A 433 14.18 -11.41 -11.21
CA PHE A 433 14.05 -10.40 -12.25
C PHE A 433 14.38 -9.05 -11.63
N ARG A 434 15.31 -8.32 -12.26
CA ARG A 434 15.77 -7.05 -11.74
C ARG A 434 15.51 -5.97 -12.76
N TYR A 435 15.27 -4.75 -12.27
CA TYR A 435 15.34 -3.60 -13.13
C TYR A 435 16.77 -3.40 -13.60
N GLN A 436 16.90 -2.78 -14.77
CA GLN A 436 18.21 -2.49 -15.33
C GLN A 436 18.10 -1.17 -16.07
N PRO A 437 19.22 -0.46 -16.26
CA PRO A 437 19.16 0.82 -16.98
C PRO A 437 18.77 0.60 -18.43
N ASP A 438 18.03 1.57 -18.98
CA ASP A 438 17.72 1.55 -20.39
C ASP A 438 19.01 1.53 -21.20
N PRO A 439 19.05 0.81 -22.31
CA PRO A 439 20.33 0.63 -23.02
C PRO A 439 20.89 1.90 -23.62
N TRP A 440 20.05 2.88 -23.94
CA TRP A 440 20.52 4.14 -24.52
C TRP A 440 21.01 5.13 -23.45
N PHE B 28 20.11 11.53 1.81
CA PHE B 28 18.66 11.74 2.00
C PHE B 28 17.85 11.00 0.95
N PRO B 29 16.71 10.43 1.36
CA PRO B 29 15.87 9.70 0.41
C PRO B 29 15.29 10.62 -0.64
N ARG B 30 15.39 10.19 -1.90
CA ARG B 30 14.77 10.85 -3.02
C ARG B 30 13.35 10.32 -3.19
N VAL B 31 12.38 11.24 -3.21
CA VAL B 31 10.97 10.91 -3.19
C VAL B 31 10.34 11.43 -4.47
N LYS B 32 9.78 10.54 -5.28
CA LYS B 32 9.23 10.91 -6.57
C LYS B 32 7.72 10.83 -6.57
N ASN B 33 7.07 11.79 -7.22
CA ASN B 33 5.66 11.67 -7.55
C ASN B 33 5.55 11.19 -9.00
N TRP B 34 4.94 10.05 -9.20
CA TRP B 34 4.95 9.43 -10.52
C TRP B 34 3.86 9.98 -11.43
N GLU B 35 2.85 10.64 -10.88
CA GLU B 35 1.86 11.27 -11.75
C GLU B 35 2.44 12.49 -12.43
N VAL B 36 3.22 13.28 -11.70
CA VAL B 36 3.71 14.56 -12.16
C VAL B 36 5.18 14.52 -12.53
N GLY B 37 5.96 13.58 -12.00
CA GLY B 37 7.37 13.52 -12.26
C GLY B 37 8.22 14.34 -11.32
N SER B 38 7.60 15.02 -10.36
CA SER B 38 8.33 15.87 -9.44
C SER B 38 9.09 15.02 -8.41
N ILE B 39 10.21 15.55 -7.97
CA ILE B 39 11.11 14.84 -7.07
C ILE B 39 11.47 15.76 -5.93
N THR B 40 11.48 15.22 -4.71
CA THR B 40 11.96 15.92 -3.53
C THR B 40 12.91 15.00 -2.78
N TYR B 41 13.60 15.58 -1.80
CA TYR B 41 14.44 14.83 -0.89
C TYR B 41 13.90 15.02 0.52
N ASP B 42 13.67 13.92 1.22
CA ASP B 42 13.13 14.00 2.57
C ASP B 42 14.32 14.14 3.52
N THR B 43 14.68 15.38 3.82
CA THR B 43 15.76 15.62 4.78
C THR B 43 15.28 15.53 6.22
N LEU B 44 13.98 15.67 6.44
CA LEU B 44 13.41 15.54 7.77
C LEU B 44 13.60 14.13 8.33
N SER B 45 13.68 13.14 7.45
CA SER B 45 13.84 11.75 7.90
C SER B 45 15.13 11.55 8.68
N ALA B 46 16.13 12.41 8.47
CA ALA B 46 17.37 12.32 9.21
C ALA B 46 17.20 12.64 10.69
N GLN B 47 16.08 13.22 11.08
CA GLN B 47 15.79 13.53 12.47
C GLN B 47 14.93 12.47 13.14
N ALA B 48 14.73 11.33 12.50
CA ALA B 48 13.92 10.25 13.05
C ALA B 48 14.45 9.81 14.40
N GLN B 49 13.58 9.85 15.41
CA GLN B 49 13.96 9.68 16.81
C GLN B 49 13.82 8.25 17.30
N GLN B 50 13.27 7.35 16.49
CA GLN B 50 13.02 5.97 16.92
C GLN B 50 13.12 5.06 15.71
N ASP B 51 13.46 3.79 15.98
CA ASP B 51 13.59 2.79 14.94
C ASP B 51 12.24 2.21 14.56
N GLY B 52 12.07 1.99 13.26
CA GLY B 52 10.97 1.19 12.78
C GLY B 52 11.41 -0.26 12.64
N PRO B 53 10.53 -1.08 12.08
CA PRO B 53 10.79 -2.53 11.97
C PRO B 53 11.58 -2.97 10.75
N CYS B 54 11.83 -2.09 9.79
CA CYS B 54 12.51 -2.53 8.58
C CYS B 54 14.02 -2.55 8.80
N THR B 55 14.68 -3.39 8.01
CA THR B 55 16.14 -3.44 7.92
C THR B 55 16.50 -3.52 6.45
N PRO B 56 17.77 -3.38 6.08
CA PRO B 56 18.13 -3.55 4.66
C PRO B 56 17.81 -4.95 4.11
N ARG B 57 17.65 -5.96 4.97
CA ARG B 57 17.37 -7.30 4.48
C ARG B 57 15.88 -7.54 4.21
N ARG B 58 14.99 -6.84 4.91
CA ARG B 58 13.57 -7.07 4.64
C ARG B 58 12.75 -5.90 5.16
N CYS B 59 11.77 -5.51 4.37
CA CYS B 59 10.86 -4.43 4.72
C CYS B 59 9.65 -5.02 5.45
N LEU B 60 9.30 -4.41 6.59
CA LEU B 60 8.13 -4.75 7.37
C LEU B 60 7.16 -3.56 7.41
N GLY B 61 7.19 -2.71 6.40
CA GLY B 61 6.32 -1.55 6.35
C GLY B 61 4.84 -1.88 6.40
N SER B 62 4.45 -3.09 6.01
CA SER B 62 3.03 -3.44 6.00
C SER B 62 2.51 -3.95 7.36
N LEU B 63 3.37 -4.10 8.36
CA LEU B 63 2.90 -4.58 9.67
C LEU B 63 2.03 -3.54 10.36
N VAL B 64 0.90 -3.98 10.91
CA VAL B 64 0.06 -3.06 11.66
C VAL B 64 0.81 -2.56 12.89
N PHE B 65 1.43 -3.47 13.64
CA PHE B 65 2.20 -3.12 14.83
C PHE B 65 3.68 -3.17 14.51
N PRO B 66 4.33 -2.04 14.25
CA PRO B 66 5.76 -2.04 13.91
C PRO B 66 6.71 -2.14 15.09
N ARG B 67 6.22 -2.21 16.34
CA ARG B 67 7.09 -2.15 17.51
C ARG B 67 6.59 -3.10 18.59
N LYS B 68 7.35 -3.18 19.68
CA LYS B 68 7.08 -4.15 20.75
C LYS B 68 5.78 -3.84 21.50
N LEU B 69 5.61 -2.57 21.89
CA LEU B 69 4.61 -2.08 22.88
C LEU B 69 5.12 -2.29 24.31
N ALA B 79 17.28 6.50 32.22
CA ALA B 79 16.09 7.34 32.01
C ALA B 79 16.37 8.84 32.11
N PRO B 80 16.98 9.32 33.20
CA PRO B 80 17.05 10.78 33.39
C PRO B 80 17.81 11.49 32.29
N GLU B 81 18.95 10.92 31.87
CA GLU B 81 19.71 11.51 30.76
C GLU B 81 18.97 11.37 29.44
N GLN B 82 18.24 10.27 29.26
CA GLN B 82 17.43 10.11 28.06
C GLN B 82 16.21 11.03 28.08
N LEU B 83 15.55 11.13 29.25
CA LEU B 83 14.44 12.07 29.38
C LEU B 83 14.90 13.49 29.08
N LEU B 84 16.09 13.88 29.58
CA LEU B 84 16.57 15.24 29.40
C LEU B 84 16.80 15.56 27.94
N SER B 85 17.40 14.63 27.19
CA SER B 85 17.68 14.90 25.79
C SER B 85 16.38 15.03 25.00
N GLN B 86 15.38 14.18 25.31
CA GLN B 86 14.09 14.31 24.64
C GLN B 86 13.38 15.59 25.06
N ALA B 87 13.47 15.94 26.34
CA ALA B 87 12.93 17.20 26.82
C ALA B 87 13.59 18.39 26.13
N ARG B 88 14.92 18.38 26.04
CA ARG B 88 15.60 19.54 25.43
C ARG B 88 15.26 19.65 23.95
N ASP B 89 15.27 18.53 23.23
CA ASP B 89 14.85 18.57 21.83
C ASP B 89 13.45 19.15 21.70
N PHE B 90 12.53 18.75 22.57
CA PHE B 90 11.16 19.26 22.45
C PHE B 90 11.12 20.75 22.72
N ILE B 91 11.80 21.20 23.78
CA ILE B 91 11.84 22.62 24.09
C ILE B 91 12.44 23.39 22.92
N ASN B 92 13.51 22.87 22.33
CA ASN B 92 14.07 23.50 21.14
C ASN B 92 13.06 23.54 20.01
N GLN B 93 12.28 22.47 19.83
CA GLN B 93 11.22 22.50 18.82
C GLN B 93 10.23 23.61 19.13
N TYR B 94 9.81 23.68 20.39
CA TYR B 94 8.81 24.68 20.77
C TYR B 94 9.32 26.08 20.49
N TYR B 95 10.52 26.40 20.95
CA TYR B 95 10.99 27.78 20.76
C TYR B 95 11.32 28.08 19.30
N SER B 96 11.64 27.07 18.50
CA SER B 96 11.81 27.31 17.07
CA SER B 96 11.81 27.30 17.07
C SER B 96 10.48 27.67 16.41
N SER B 97 9.42 26.95 16.78
CA SER B 97 8.11 27.17 16.18
C SER B 97 7.59 28.58 16.41
N ILE B 98 7.91 29.19 17.54
CA ILE B 98 7.45 30.54 17.84
C ILE B 98 8.50 31.58 17.50
N LYS B 99 9.58 31.19 16.81
CA LYS B 99 10.59 32.11 16.31
C LYS B 99 11.32 32.82 17.44
N ARG B 100 11.46 32.15 18.58
CA ARG B 100 12.15 32.70 19.75
C ARG B 100 13.35 31.84 20.15
N SER B 101 13.97 31.18 19.18
CA SER B 101 15.14 30.37 19.48
CA SER B 101 15.16 30.37 19.48
C SER B 101 16.29 31.27 19.96
N GLY B 102 16.96 30.85 21.03
CA GLY B 102 18.03 31.62 21.61
C GLY B 102 17.61 32.77 22.51
N SER B 103 16.30 33.01 22.66
CA SER B 103 15.85 34.08 23.53
C SER B 103 16.20 33.75 24.98
N GLN B 104 16.14 34.78 25.82
CA GLN B 104 16.27 34.52 27.25
C GLN B 104 15.21 33.53 27.71
N ALA B 105 14.02 33.60 27.11
CA ALA B 105 12.95 32.67 27.48
C ALA B 105 13.31 31.24 27.09
N HIS B 106 13.88 31.05 25.90
CA HIS B 106 14.32 29.72 25.48
C HIS B 106 15.34 29.15 26.47
N GLU B 107 16.35 29.96 26.83
CA GLU B 107 17.39 29.50 27.72
C GLU B 107 16.86 29.23 29.13
N GLN B 108 16.00 30.12 29.64
CA GLN B 108 15.42 29.91 30.97
C GLN B 108 14.66 28.60 31.03
N ARG B 109 13.88 28.30 30.00
CA ARG B 109 13.09 27.07 29.98
C ARG B 109 13.97 25.84 29.94
N LEU B 110 15.03 25.84 29.13
CA LEU B 110 15.96 24.73 29.11
C LEU B 110 16.55 24.48 30.49
N GLN B 111 17.07 25.54 31.12
CA GLN B 111 17.62 25.42 32.46
C GLN B 111 16.57 24.91 33.44
N GLU B 112 15.36 25.45 33.36
CA GLU B 112 14.30 25.08 34.31
C GLU B 112 13.96 23.60 34.20
N VAL B 113 13.79 23.10 32.97
CA VAL B 113 13.51 21.68 32.77
C VAL B 113 14.66 20.83 33.28
N GLU B 114 15.89 21.20 32.92
CA GLU B 114 17.06 20.47 33.40
C GLU B 114 17.09 20.41 34.92
N ALA B 115 16.76 21.52 35.58
CA ALA B 115 16.76 21.52 37.05
C ALA B 115 15.56 20.79 37.63
N GLU B 116 14.40 20.88 36.97
CA GLU B 116 13.24 20.13 37.46
C GLU B 116 13.47 18.63 37.30
N VAL B 117 14.10 18.20 36.21
CA VAL B 117 14.38 16.78 36.03
C VAL B 117 15.38 16.30 37.07
N ALA B 118 16.41 17.12 37.36
CA ALA B 118 17.41 16.72 38.35
C ALA B 118 16.78 16.60 39.73
N ALA B 119 15.86 17.49 40.07
CA ALA B 119 15.28 17.53 41.40
C ALA B 119 14.11 16.59 41.58
N THR B 120 13.38 16.26 40.51
CA THR B 120 12.15 15.50 40.64
C THR B 120 12.06 14.27 39.76
N GLY B 121 13.02 14.03 38.86
CA GLY B 121 12.92 12.93 37.91
C GLY B 121 12.03 13.19 36.70
N THR B 122 11.28 14.28 36.70
CA THR B 122 10.37 14.54 35.60
C THR B 122 10.23 16.06 35.46
N TYR B 123 9.33 16.50 34.59
CA TYR B 123 9.01 17.91 34.55
C TYR B 123 7.59 18.07 34.03
N GLN B 124 7.11 19.31 34.09
CA GLN B 124 5.76 19.65 33.69
C GLN B 124 5.81 20.57 32.48
N LEU B 125 4.96 20.28 31.51
CA LEU B 125 4.82 21.15 30.36
C LEU B 125 4.08 22.42 30.73
N ARG B 126 4.54 23.53 30.18
CA ARG B 126 3.70 24.71 30.19
C ARG B 126 2.54 24.50 29.24
N GLU B 127 1.46 25.26 29.47
CA GLU B 127 0.23 25.05 28.70
C GLU B 127 0.49 25.23 27.21
N SER B 128 1.23 26.28 26.85
CA SER B 128 1.52 26.52 25.43
CA SER B 128 1.53 26.53 25.44
C SER B 128 2.35 25.39 24.84
N GLU B 129 3.23 24.79 25.62
CA GLU B 129 4.02 23.65 25.16
C GLU B 129 3.14 22.42 24.94
N LEU B 130 2.20 22.19 25.86
CA LEU B 130 1.26 21.08 25.71
C LEU B 130 0.48 21.21 24.42
N VAL B 131 0.00 22.42 24.13
CA VAL B 131 -0.75 22.66 22.90
C VAL B 131 0.11 22.40 21.68
N PHE B 132 1.31 23.00 21.66
CA PHE B 132 2.26 22.76 20.59
C PHE B 132 2.55 21.28 20.44
N GLY B 133 2.77 20.59 21.56
CA GLY B 133 3.18 19.19 21.49
C GLY B 133 2.06 18.32 20.93
N ALA B 134 0.82 18.59 21.35
CA ALA B 134 -0.30 17.81 20.83
C ALA B 134 -0.44 17.98 19.33
N LYS B 135 -0.32 19.23 18.85
CA LYS B 135 -0.43 19.47 17.42
C LYS B 135 0.72 18.84 16.65
N GLN B 136 1.95 18.93 17.19
CA GLN B 136 3.09 18.28 16.54
C GLN B 136 2.90 16.78 16.48
N ALA B 137 2.37 16.19 17.54
CA ALA B 137 2.17 14.74 17.51
C ALA B 137 1.22 14.36 16.39
N TRP B 138 0.20 15.18 16.17
CA TRP B 138 -0.71 14.93 15.07
C TRP B 138 -0.01 15.13 13.73
N ARG B 139 0.69 16.24 13.59
CA ARG B 139 1.48 16.52 12.41
C ARG B 139 2.46 15.39 12.10
N ASN B 140 2.99 14.76 13.14
CA ASN B 140 4.00 13.73 12.97
C ASN B 140 3.41 12.36 12.70
N ALA B 141 2.08 12.20 12.68
CA ALA B 141 1.48 10.87 12.63
C ALA B 141 1.52 10.33 11.21
N PRO B 142 2.38 9.35 10.90
CA PRO B 142 2.57 8.94 9.49
C PRO B 142 1.35 8.31 8.86
N ARG B 143 0.44 7.74 9.65
CA ARG B 143 -0.72 7.07 9.12
C ARG B 143 -1.93 7.98 8.97
N CYS B 144 -1.82 9.26 9.32
CA CYS B 144 -2.97 10.16 9.29
C CYS B 144 -3.00 10.91 7.97
N VAL B 145 -4.07 10.70 7.20
CA VAL B 145 -4.27 11.47 5.97
C VAL B 145 -4.89 12.83 6.22
N GLY B 146 -5.37 13.09 7.45
CA GLY B 146 -6.09 14.32 7.71
C GLY B 146 -5.21 15.48 8.15
N ARG B 147 -3.90 15.35 8.01
CA ARG B 147 -2.96 16.24 8.68
C ARG B 147 -2.91 17.64 8.08
N ILE B 148 -3.57 17.90 6.95
CA ILE B 148 -3.68 19.29 6.51
C ILE B 148 -4.31 20.14 7.62
N GLN B 149 -5.07 19.51 8.50
CA GLN B 149 -5.78 20.17 9.57
C GLN B 149 -4.94 20.37 10.84
N TRP B 150 -3.66 19.98 10.83
CA TRP B 150 -2.92 19.75 12.08
C TRP B 150 -2.82 21.00 12.95
N GLY B 151 -2.79 22.18 12.34
CA GLY B 151 -2.73 23.40 13.10
C GLY B 151 -4.01 23.78 13.79
N LYS B 152 -5.12 23.14 13.44
CA LYS B 152 -6.43 23.49 14.00
C LYS B 152 -6.83 22.35 14.92
N LEU B 153 -6.51 22.50 16.20
CA LEU B 153 -6.73 21.45 17.18
C LEU B 153 -7.01 22.13 18.51
N GLN B 154 -8.15 21.82 19.09
CA GLN B 154 -8.54 22.39 20.38
C GLN B 154 -7.99 21.46 21.47
N VAL B 155 -7.16 22.00 22.36
CA VAL B 155 -6.45 21.19 23.36
C VAL B 155 -7.07 21.49 24.72
N PHE B 156 -7.68 20.49 25.31
CA PHE B 156 -8.25 20.61 26.64
C PHE B 156 -7.26 20.04 27.63
N ASP B 157 -6.87 20.87 28.58
CA ASP B 157 -5.85 20.48 29.55
C ASP B 157 -6.57 19.87 30.73
N ALA B 158 -6.54 18.55 30.84
CA ALA B 158 -7.11 17.82 31.97
C ALA B 158 -6.02 17.22 32.85
N ARG B 159 -4.83 17.83 32.85
CA ARG B 159 -3.75 17.30 33.68
C ARG B 159 -4.00 17.48 35.17
N ASP B 160 -5.03 18.21 35.58
CA ASP B 160 -5.43 18.30 36.99
C ASP B 160 -6.46 17.24 37.40
N CYS B 161 -6.90 16.41 36.46
CA CYS B 161 -7.92 15.41 36.74
C CYS B 161 -7.48 14.46 37.85
N ARG B 162 -8.44 14.07 38.71
CA ARG B 162 -8.14 13.29 39.90
C ARG B 162 -8.97 12.03 40.07
N SER B 163 -9.99 11.81 39.25
CA SER B 163 -10.83 10.63 39.44
C SER B 163 -11.39 10.20 38.09
N ALA B 164 -11.91 8.97 38.04
CA ALA B 164 -12.58 8.51 36.84
C ALA B 164 -13.85 9.33 36.57
N GLN B 165 -14.59 9.67 37.62
CA GLN B 165 -15.75 10.54 37.46
C GLN B 165 -15.35 11.85 36.78
N GLU B 166 -14.24 12.45 37.22
CA GLU B 166 -13.75 13.65 36.57
C GLU B 166 -13.28 13.38 35.13
N MET B 167 -12.67 12.21 34.89
CA MET B 167 -12.36 11.83 33.51
C MET B 167 -13.62 11.82 32.66
N PHE B 168 -14.71 11.28 33.21
CA PHE B 168 -15.94 11.22 32.45
C PHE B 168 -16.48 12.62 32.15
N THR B 169 -16.38 13.53 33.12
CA THR B 169 -16.75 14.92 32.89
C THR B 169 -15.93 15.51 31.74
N TYR B 170 -14.60 15.33 31.79
CA TYR B 170 -13.76 15.84 30.71
C TYR B 170 -14.10 15.20 29.39
N ILE B 171 -14.36 13.89 29.40
CA ILE B 171 -14.67 13.20 28.14
C ILE B 171 -16.02 13.68 27.60
N CYS B 172 -17.01 13.85 28.47
CA CYS B 172 -18.32 14.30 27.98
C CYS B 172 -18.24 15.71 27.41
N ASN B 173 -17.46 16.59 28.05
CA ASN B 173 -17.30 17.93 27.52
C ASN B 173 -16.52 17.92 26.21
N HIS B 174 -15.50 17.05 26.11
CA HIS B 174 -14.80 16.89 24.84
C HIS B 174 -15.78 16.48 23.73
N ILE B 175 -16.59 15.46 23.98
CA ILE B 175 -17.53 14.96 22.97
C ILE B 175 -18.51 16.05 22.57
N LYS B 176 -19.08 16.73 23.54
CA LYS B 176 -19.98 17.85 23.27
C LYS B 176 -19.29 18.90 22.40
N TYR B 177 -18.09 19.32 22.80
CA TYR B 177 -17.38 20.34 22.04
C TYR B 177 -17.07 19.87 20.63
N ALA B 178 -16.47 18.68 20.52
CA ALA B 178 -15.98 18.19 19.24
C ALA B 178 -17.13 17.90 18.29
N THR B 179 -18.25 17.42 18.83
CA THR B 179 -19.41 17.11 18.00
C THR B 179 -20.06 18.39 17.49
N ASN B 180 -20.34 19.34 18.38
CA ASN B 180 -20.78 20.66 17.95
C ASN B 180 -22.00 20.55 17.02
N ARG B 181 -22.94 19.68 17.40
CA ARG B 181 -24.19 19.46 16.66
C ARG B 181 -23.97 19.05 15.22
N GLY B 182 -22.81 18.47 14.91
CA GLY B 182 -22.52 17.98 13.58
C GLY B 182 -21.44 18.73 12.85
N ASN B 183 -21.16 19.98 13.26
CA ASN B 183 -20.07 20.76 12.68
C ASN B 183 -18.81 20.43 13.46
N LEU B 184 -18.19 19.32 13.09
CA LEU B 184 -17.18 18.69 13.93
C LEU B 184 -15.94 19.56 14.08
N ARG B 185 -15.39 19.58 15.29
CA ARG B 185 -14.16 20.29 15.61
C ARG B 185 -13.14 19.32 16.17
N SER B 186 -11.94 19.32 15.59
CA SER B 186 -10.86 18.50 16.11
C SER B 186 -10.50 18.93 17.52
N ALA B 187 -10.28 17.95 18.39
CA ALA B 187 -9.98 18.25 19.77
C ALA B 187 -9.19 17.11 20.37
N ILE B 188 -8.41 17.43 21.40
CA ILE B 188 -7.73 16.44 22.21
C ILE B 188 -7.91 16.88 23.67
N THR B 189 -8.16 15.92 24.55
CA THR B 189 -8.16 16.14 25.99
C THR B 189 -6.97 15.39 26.57
N VAL B 190 -6.14 16.10 27.31
CA VAL B 190 -4.88 15.53 27.79
C VAL B 190 -5.02 15.30 29.29
N PHE B 191 -5.04 14.05 29.70
CA PHE B 191 -5.13 13.72 31.11
C PHE B 191 -3.73 13.69 31.71
N PRO B 192 -3.60 13.56 33.02
CA PRO B 192 -2.27 13.65 33.65
C PRO B 192 -1.27 12.67 33.07
N GLN B 193 -0.04 13.14 32.98
CA GLN B 193 1.03 12.31 32.47
C GLN B 193 1.33 11.16 33.42
N ARG B 194 1.92 10.13 32.85
CA ARG B 194 2.49 9.06 33.64
C ARG B 194 3.53 9.62 34.60
N CYS B 195 3.53 9.11 35.82
CA CYS B 195 4.56 9.54 36.76
C CYS B 195 4.86 8.40 37.73
N PRO B 196 6.10 8.31 38.20
CA PRO B 196 6.45 7.21 39.11
C PRO B 196 5.66 7.27 40.41
N GLY B 197 5.44 6.09 40.97
CA GLY B 197 4.70 5.96 42.20
C GLY B 197 3.20 5.92 42.05
N ARG B 198 2.70 6.09 40.83
CA ARG B 198 1.29 6.33 40.58
C ARG B 198 0.92 5.57 39.31
N GLY B 199 -0.21 4.87 39.33
CA GLY B 199 -0.70 4.22 38.14
C GLY B 199 -1.17 5.22 37.09
N ASP B 200 -1.43 4.71 35.90
CA ASP B 200 -1.83 5.58 34.80
C ASP B 200 -3.33 5.87 34.85
N PHE B 201 -3.69 7.04 34.34
CA PHE B 201 -5.03 7.21 33.77
C PHE B 201 -5.09 6.43 32.45
N ARG B 202 -6.18 5.70 32.26
CA ARG B 202 -6.38 4.96 31.02
C ARG B 202 -7.84 4.99 30.68
N ILE B 203 -8.14 5.12 29.40
CA ILE B 203 -9.44 4.81 28.85
C ILE B 203 -9.32 3.45 28.20
N TRP B 204 -10.07 2.48 28.71
CA TRP B 204 -9.91 1.13 28.20
C TRP B 204 -10.44 0.99 26.78
N ASN B 205 -11.49 1.74 26.44
CA ASN B 205 -12.08 1.70 25.11
C ASN B 205 -11.13 2.28 24.07
N SER B 206 -11.12 1.69 22.88
CA SER B 206 -10.21 2.14 21.82
C SER B 206 -10.69 3.43 21.19
N GLN B 207 -12.00 3.71 21.26
CA GLN B 207 -12.61 4.97 20.85
C GLN B 207 -13.68 5.30 21.85
N LEU B 208 -14.04 6.59 21.91
CA LEU B 208 -15.08 7.00 22.85
C LEU B 208 -16.44 6.47 22.43
N VAL B 209 -16.66 6.29 21.13
CA VAL B 209 -17.89 5.68 20.62
C VAL B 209 -17.54 4.39 19.93
N ARG B 210 -18.08 3.30 20.42
CA ARG B 210 -17.86 1.97 19.87
C ARG B 210 -19.18 1.24 19.98
N TYR B 211 -19.51 0.48 18.95
CA TYR B 211 -20.69 -0.35 19.00
C TYR B 211 -20.31 -1.70 19.57
N ALA B 212 -21.18 -2.24 20.42
CA ALA B 212 -20.91 -3.52 21.06
C ALA B 212 -20.80 -4.62 20.02
N GLY B 213 -19.96 -5.60 20.33
CA GLY B 213 -19.90 -6.81 19.55
C GLY B 213 -20.21 -7.98 20.48
N TYR B 214 -21.29 -8.71 20.20
CA TYR B 214 -21.75 -9.81 21.04
C TYR B 214 -21.43 -11.12 20.33
N ARG B 215 -20.46 -11.87 20.86
CA ARG B 215 -20.11 -13.12 20.23
C ARG B 215 -21.21 -14.14 20.47
N GLN B 216 -21.61 -14.82 19.41
CA GLN B 216 -22.67 -15.82 19.46
C GLN B 216 -22.07 -17.21 19.55
N GLN B 217 -22.90 -18.17 19.95
CA GLN B 217 -22.39 -19.51 20.23
C GLN B 217 -21.84 -20.21 18.99
N ASP B 218 -22.27 -19.81 17.80
CA ASP B 218 -21.77 -20.37 16.55
C ASP B 218 -20.55 -19.62 16.02
N GLY B 219 -19.83 -18.89 16.88
CA GLY B 219 -18.68 -18.12 16.46
C GLY B 219 -18.99 -16.80 15.77
N SER B 220 -20.24 -16.56 15.37
CA SER B 220 -20.57 -15.32 14.70
C SER B 220 -20.67 -14.18 15.72
N VAL B 221 -20.80 -12.96 15.21
CA VAL B 221 -20.88 -11.77 16.04
C VAL B 221 -22.13 -10.99 15.67
N ARG B 222 -22.87 -10.55 16.69
CA ARG B 222 -23.90 -9.53 16.52
C ARG B 222 -23.30 -8.19 16.90
N GLY B 223 -23.36 -7.22 15.98
CA GLY B 223 -22.75 -5.93 16.20
C GLY B 223 -21.38 -5.85 15.57
N ASP B 224 -20.45 -5.13 16.19
CA ASP B 224 -19.16 -4.86 15.59
C ASP B 224 -18.14 -5.89 16.07
N PRO B 225 -17.67 -6.79 15.20
CA PRO B 225 -16.67 -7.76 15.66
C PRO B 225 -15.38 -7.12 16.17
N ALA B 226 -15.03 -5.91 15.76
CA ALA B 226 -13.84 -5.27 16.30
C ALA B 226 -13.92 -5.06 17.82
N ASN B 227 -15.12 -5.11 18.40
CA ASN B 227 -15.29 -4.69 19.78
C ASN B 227 -15.71 -5.82 20.70
N VAL B 228 -15.57 -7.07 20.25
CA VAL B 228 -15.92 -8.22 21.08
C VAL B 228 -15.20 -8.18 22.43
N GLU B 229 -13.91 -7.83 22.43
CA GLU B 229 -13.17 -7.90 23.69
C GLU B 229 -13.57 -6.78 24.64
N ILE B 230 -13.68 -5.55 24.14
CA ILE B 230 -14.08 -4.46 25.04
C ILE B 230 -15.53 -4.66 25.47
N THR B 231 -16.35 -5.29 24.63
CA THR B 231 -17.71 -5.61 25.03
C THR B 231 -17.73 -6.58 26.19
N GLU B 232 -16.95 -7.67 26.08
CA GLU B 232 -16.92 -8.65 27.15
C GLU B 232 -16.36 -8.03 28.43
N LEU B 233 -15.37 -7.15 28.30
CA LEU B 233 -14.85 -6.44 29.47
C LEU B 233 -15.91 -5.57 30.13
N CYS B 234 -16.71 -4.87 29.32
CA CYS B 234 -17.78 -4.04 29.88
C CYS B 234 -18.78 -4.90 30.64
N ILE B 235 -19.18 -6.03 30.05
CA ILE B 235 -20.08 -6.94 30.73
C ILE B 235 -19.45 -7.46 32.02
N GLN B 236 -18.17 -7.85 31.95
CA GLN B 236 -17.49 -8.35 33.14
C GLN B 236 -17.46 -7.29 34.26
N HIS B 237 -17.54 -6.02 33.91
CA HIS B 237 -17.54 -4.94 34.88
C HIS B 237 -18.92 -4.39 35.16
N GLY B 238 -19.96 -5.18 34.90
CA GLY B 238 -21.29 -4.88 35.36
C GLY B 238 -22.24 -4.37 34.31
N TRP B 239 -21.76 -4.04 33.11
CA TRP B 239 -22.65 -3.49 32.10
C TRP B 239 -23.71 -4.50 31.72
N THR B 240 -24.98 -4.10 31.73
CA THR B 240 -26.03 -4.94 31.20
C THR B 240 -26.03 -4.82 29.68
N PRO B 241 -25.73 -5.89 28.96
CA PRO B 241 -25.56 -5.78 27.51
C PRO B 241 -26.90 -5.63 26.80
N GLY B 242 -26.87 -4.97 25.65
CA GLY B 242 -27.99 -4.98 24.74
C GLY B 242 -27.96 -6.23 23.88
N ASN B 243 -28.70 -6.17 22.78
CA ASN B 243 -28.56 -7.23 21.78
C ASN B 243 -28.75 -6.70 20.37
N GLY B 244 -28.54 -5.41 20.14
CA GLY B 244 -28.61 -4.85 18.81
C GLY B 244 -27.28 -4.91 18.11
N ARG B 245 -27.27 -4.39 16.88
CA ARG B 245 -26.06 -4.34 16.08
C ARG B 245 -25.31 -3.05 16.27
N PHE B 246 -25.94 -2.04 16.87
CA PHE B 246 -25.31 -0.73 17.02
C PHE B 246 -25.53 -0.22 18.44
N ASP B 247 -25.30 -1.09 19.42
CA ASP B 247 -25.38 -0.70 20.83
C ASP B 247 -24.12 0.07 21.20
N VAL B 248 -24.26 1.32 21.61
CA VAL B 248 -23.10 2.10 22.02
C VAL B 248 -22.57 1.58 23.34
N LEU B 249 -21.28 1.33 23.41
CA LEU B 249 -20.68 0.75 24.60
C LEU B 249 -20.52 1.80 25.69
N PRO B 250 -20.55 1.39 26.96
CA PRO B 250 -20.13 2.30 28.03
C PRO B 250 -18.62 2.50 28.00
N LEU B 251 -18.17 3.55 28.67
CA LEU B 251 -16.76 3.78 28.85
C LEU B 251 -16.25 3.07 30.10
N LEU B 252 -15.12 2.40 29.96
CA LEU B 252 -14.38 1.86 31.09
C LEU B 252 -13.20 2.80 31.34
N LEU B 253 -13.28 3.56 32.42
CA LEU B 253 -12.32 4.61 32.71
C LEU B 253 -11.52 4.23 33.94
N GLN B 254 -10.21 4.30 33.82
CA GLN B 254 -9.31 3.85 34.88
C GLN B 254 -8.57 5.05 35.44
N ALA B 255 -8.84 5.34 36.71
CA ALA B 255 -8.05 6.31 37.44
C ALA B 255 -6.85 5.60 38.05
N PRO B 256 -5.81 6.34 38.43
CA PRO B 256 -4.58 5.69 38.93
C PRO B 256 -4.84 4.75 40.08
N ASP B 257 -4.31 3.53 39.95
CA ASP B 257 -4.33 2.54 41.01
C ASP B 257 -5.74 2.15 41.40
N GLU B 258 -6.66 2.25 40.44
CA GLU B 258 -8.04 1.87 40.65
C GLU B 258 -8.46 0.92 39.55
N PRO B 259 -9.36 -0.03 39.84
CA PRO B 259 -10.00 -0.77 38.77
C PRO B 259 -10.77 0.17 37.86
N PRO B 260 -10.99 -0.19 36.61
CA PRO B 260 -11.78 0.67 35.73
C PRO B 260 -13.18 0.82 36.27
N GLU B 261 -13.78 1.98 35.99
CA GLU B 261 -15.13 2.28 36.39
C GLU B 261 -15.97 2.47 35.14
N LEU B 262 -17.22 2.05 35.21
CA LEU B 262 -18.11 1.99 34.05
C LEU B 262 -18.97 3.26 34.01
N PHE B 263 -18.94 3.95 32.87
CA PHE B 263 -19.74 5.15 32.66
C PHE B 263 -20.54 5.01 31.37
N LEU B 264 -21.85 5.24 31.45
CA LEU B 264 -22.70 5.24 30.26
C LEU B 264 -22.69 6.63 29.63
N LEU B 265 -22.43 6.70 28.35
CA LEU B 265 -22.53 7.97 27.65
C LEU B 265 -24.00 8.35 27.51
N PRO B 266 -24.39 9.56 27.90
CA PRO B 266 -25.77 9.99 27.66
C PRO B 266 -26.08 9.93 26.19
N PRO B 267 -27.15 9.23 25.78
CA PRO B 267 -27.39 9.05 24.34
C PRO B 267 -27.52 10.35 23.57
N GLU B 268 -28.01 11.42 24.19
CA GLU B 268 -28.05 12.69 23.48
C GLU B 268 -26.66 13.27 23.24
N LEU B 269 -25.63 12.73 23.90
CA LEU B 269 -24.28 13.16 23.63
C LEU B 269 -23.68 12.50 22.40
N VAL B 270 -24.19 11.33 22.03
CA VAL B 270 -23.60 10.52 20.97
C VAL B 270 -24.41 10.76 19.71
N LEU B 271 -23.90 11.62 18.84
CA LEU B 271 -24.61 11.93 17.60
C LEU B 271 -24.40 10.78 16.62
N GLU B 272 -25.49 10.27 16.06
CA GLU B 272 -25.43 9.16 15.13
C GLU B 272 -26.12 9.54 13.82
N VAL B 273 -25.72 8.86 12.75
CA VAL B 273 -26.21 9.14 11.42
C VAL B 273 -26.89 7.89 10.89
N PRO B 274 -28.21 7.87 10.72
CA PRO B 274 -28.82 6.75 10.03
C PRO B 274 -28.39 6.74 8.57
N LEU B 275 -28.10 5.56 8.05
CA LEU B 275 -27.57 5.46 6.69
C LEU B 275 -28.69 5.12 5.71
N GLU B 276 -28.81 5.94 4.68
CA GLU B 276 -29.70 5.71 3.56
C GLU B 276 -28.94 5.98 2.28
N HIS B 277 -29.53 5.57 1.17
CA HIS B 277 -28.87 5.82 -0.08
C HIS B 277 -29.75 6.73 -0.92
N PRO B 278 -29.18 7.71 -1.63
CA PRO B 278 -30.02 8.68 -2.35
C PRO B 278 -30.93 8.08 -3.40
N THR B 279 -30.50 7.00 -4.04
CA THR B 279 -31.34 6.37 -5.05
C THR B 279 -31.59 4.89 -4.80
N LEU B 280 -31.13 4.30 -3.70
CA LEU B 280 -31.41 2.87 -3.45
C LEU B 280 -32.26 2.87 -2.20
N GLU B 281 -33.59 2.90 -2.41
CA GLU B 281 -34.48 3.26 -1.30
C GLU B 281 -34.51 2.18 -0.24
N TRP B 282 -34.30 0.91 -0.62
CA TRP B 282 -34.30 -0.16 0.37
C TRP B 282 -33.10 -0.07 1.31
N PHE B 283 -32.05 0.66 0.93
CA PHE B 283 -30.83 0.71 1.72
C PHE B 283 -31.12 1.15 3.15
N ALA B 284 -32.00 2.14 3.31
CA ALA B 284 -32.35 2.62 4.64
C ALA B 284 -32.96 1.51 5.50
N ALA B 285 -33.63 0.53 4.87
CA ALA B 285 -34.23 -0.57 5.62
C ALA B 285 -33.20 -1.55 6.16
N LEU B 286 -31.94 -1.44 5.76
CA LEU B 286 -30.90 -2.23 6.40
C LEU B 286 -30.70 -1.85 7.87
N GLY B 287 -31.20 -0.68 8.29
CA GLY B 287 -31.04 -0.26 9.66
C GLY B 287 -29.61 0.10 10.03
N LEU B 288 -28.75 0.39 9.06
CA LEU B 288 -27.38 0.73 9.34
C LEU B 288 -27.26 2.16 9.84
N ARG B 289 -26.29 2.37 10.71
CA ARG B 289 -25.98 3.70 11.20
C ARG B 289 -24.52 3.73 11.56
N TRP B 290 -23.99 4.93 11.69
CA TRP B 290 -22.70 5.12 12.29
C TRP B 290 -22.74 6.40 13.10
N TYR B 291 -21.72 6.59 13.92
CA TYR B 291 -21.69 7.74 14.81
C TYR B 291 -20.88 8.86 14.16
N ALA B 292 -21.19 10.09 14.58
CA ALA B 292 -20.54 11.25 13.98
C ALA B 292 -19.06 11.33 14.34
N LEU B 293 -18.72 11.08 15.61
CA LEU B 293 -17.43 11.55 16.13
C LEU B 293 -16.43 10.42 16.25
N PRO B 294 -15.38 10.37 15.42
CA PRO B 294 -14.31 9.40 15.66
C PRO B 294 -13.37 9.99 16.70
N ALA B 295 -13.26 9.32 17.84
CA ALA B 295 -12.51 9.87 18.97
C ALA B 295 -11.67 8.73 19.53
N VAL B 296 -10.39 8.73 19.16
CA VAL B 296 -9.48 7.65 19.50
C VAL B 296 -8.98 7.84 20.92
N SER B 297 -9.12 6.81 21.75
CA SER B 297 -8.95 6.98 23.18
C SER B 297 -7.93 6.06 23.82
N ASN B 298 -7.25 5.21 23.05
CA ASN B 298 -6.31 4.26 23.63
C ASN B 298 -4.86 4.47 23.19
N MET B 299 -4.54 5.58 22.54
CA MET B 299 -3.17 5.83 22.14
C MET B 299 -2.45 6.67 23.18
N LEU B 300 -1.14 6.47 23.26
CA LEU B 300 -0.30 7.22 24.17
C LEU B 300 0.26 8.44 23.44
N LEU B 301 0.08 9.62 24.06
CA LEU B 301 0.66 10.84 23.56
C LEU B 301 2.02 11.06 24.24
N GLU B 302 3.07 11.16 23.44
CA GLU B 302 4.43 11.35 23.96
C GLU B 302 4.89 12.74 23.55
N ILE B 303 5.25 13.56 24.53
CA ILE B 303 5.76 14.90 24.28
C ILE B 303 7.01 15.09 25.14
N GLY B 304 8.14 15.34 24.48
CA GLY B 304 9.33 15.75 25.23
C GLY B 304 9.75 14.75 26.28
N GLY B 305 9.60 13.46 26.00
CA GLY B 305 9.88 12.41 26.94
C GLY B 305 8.77 12.13 27.92
N LEU B 306 7.77 12.99 28.01
CA LEU B 306 6.64 12.79 28.90
C LEU B 306 5.60 11.96 28.17
N GLU B 307 4.91 11.12 28.92
CA GLU B 307 3.97 10.17 28.36
C GLU B 307 2.60 10.44 28.93
N PHE B 308 1.61 10.54 28.05
CA PHE B 308 0.23 10.78 28.43
C PHE B 308 -0.54 9.56 27.93
N PRO B 309 -0.72 8.55 28.77
CA PRO B 309 -1.41 7.34 28.33
C PRO B 309 -2.88 7.54 28.09
N ALA B 310 -3.48 8.62 28.59
CA ALA B 310 -4.87 8.95 28.32
C ALA B 310 -4.87 10.35 27.72
N ALA B 311 -5.14 10.43 26.42
CA ALA B 311 -5.15 11.71 25.70
C ALA B 311 -6.03 11.55 24.48
N PRO B 312 -7.33 11.35 24.68
CA PRO B 312 -8.20 11.01 23.55
C PRO B 312 -8.32 12.18 22.60
N PHE B 313 -8.30 11.86 21.31
CA PHE B 313 -8.37 12.87 20.28
C PHE B 313 -9.45 12.51 19.28
N SER B 314 -10.07 13.54 18.73
CA SER B 314 -11.17 13.33 17.81
C SER B 314 -11.01 14.29 16.63
N GLY B 315 -11.50 13.85 15.48
CA GLY B 315 -11.56 14.76 14.36
C GLY B 315 -12.89 14.60 13.68
N TRP B 316 -12.86 14.23 12.41
CA TRP B 316 -14.04 13.78 11.72
C TRP B 316 -13.62 12.64 10.81
N TYR B 317 -14.61 11.98 10.24
CA TYR B 317 -14.38 10.76 9.47
C TYR B 317 -14.02 11.06 8.02
N MET B 318 -13.17 10.22 7.46
CA MET B 318 -13.11 10.04 6.03
C MET B 318 -14.06 8.91 5.68
N SER B 319 -14.84 9.09 4.60
CA SER B 319 -16.01 8.25 4.41
C SER B 319 -15.63 6.78 4.20
N THR B 320 -14.44 6.50 3.65
CA THR B 320 -14.06 5.10 3.42
C THR B 320 -13.82 4.37 4.73
N GLU B 321 -13.51 5.08 5.82
CA GLU B 321 -13.40 4.42 7.11
C GLU B 321 -14.69 3.73 7.46
N ILE B 322 -15.81 4.41 7.22
CA ILE B 322 -17.11 3.85 7.52
C ILE B 322 -17.59 2.96 6.39
N GLY B 323 -17.64 3.52 5.19
CA GLY B 323 -18.30 2.85 4.09
C GLY B 323 -17.53 1.65 3.59
N THR B 324 -16.20 1.72 3.63
CA THR B 324 -15.38 0.63 3.10
C THR B 324 -14.90 -0.30 4.21
N ARG B 325 -14.21 0.25 5.22
CA ARG B 325 -13.63 -0.64 6.23
C ARG B 325 -14.69 -1.12 7.22
N ASN B 326 -15.33 -0.19 7.93
CA ASN B 326 -16.21 -0.60 9.02
C ASN B 326 -17.40 -1.40 8.51
N LEU B 327 -17.96 -1.02 7.36
CA LEU B 327 -19.14 -1.72 6.90
C LEU B 327 -18.82 -2.92 6.00
N CYS B 328 -17.75 -2.86 5.20
CA CYS B 328 -17.51 -3.92 4.21
C CYS B 328 -16.35 -4.86 4.54
N ASP B 329 -15.55 -4.59 5.57
CA ASP B 329 -14.53 -5.57 5.93
C ASP B 329 -15.22 -6.89 6.25
N PRO B 330 -14.67 -8.02 5.79
CA PRO B 330 -15.31 -9.31 6.08
C PRO B 330 -15.36 -9.60 7.57
N HIS B 331 -14.40 -9.08 8.32
CA HIS B 331 -14.36 -9.26 9.75
C HIS B 331 -14.94 -8.06 10.50
N ARG B 332 -15.66 -7.17 9.82
CA ARG B 332 -16.45 -6.15 10.51
C ARG B 332 -17.92 -6.41 10.24
N TYR B 333 -18.67 -5.39 9.83
CA TYR B 333 -20.11 -5.60 9.63
C TYR B 333 -20.39 -6.43 8.39
N ASN B 334 -19.50 -6.42 7.40
CA ASN B 334 -19.52 -7.41 6.34
C ASN B 334 -20.83 -7.36 5.54
N ILE B 335 -21.27 -6.16 5.16
CA ILE B 335 -22.60 -6.04 4.55
C ILE B 335 -22.55 -6.18 3.04
N LEU B 336 -21.37 -6.38 2.45
CA LEU B 336 -21.18 -6.20 1.01
C LEU B 336 -22.10 -7.10 0.20
N GLU B 337 -22.16 -8.39 0.56
CA GLU B 337 -22.93 -9.30 -0.28
C GLU B 337 -24.43 -9.05 -0.15
N ASP B 338 -24.91 -8.72 1.05
CA ASP B 338 -26.32 -8.38 1.21
C ASP B 338 -26.68 -7.17 0.35
N VAL B 339 -25.84 -6.14 0.37
CA VAL B 339 -26.09 -4.95 -0.44
C VAL B 339 -26.07 -5.31 -1.92
N ALA B 340 -25.11 -6.13 -2.35
CA ALA B 340 -25.04 -6.49 -3.76
C ALA B 340 -26.26 -7.30 -4.20
N VAL B 341 -26.71 -8.24 -3.37
CA VAL B 341 -27.91 -8.99 -3.73
C VAL B 341 -29.11 -8.07 -3.82
N CYS B 342 -29.19 -7.07 -2.91
CA CYS B 342 -30.31 -6.15 -2.97
C CYS B 342 -30.22 -5.22 -4.18
N MET B 343 -29.01 -4.93 -4.64
CA MET B 343 -28.82 -4.17 -5.87
C MET B 343 -29.05 -5.00 -7.12
N ASP B 344 -29.43 -6.27 -6.96
CA ASP B 344 -29.74 -7.16 -8.07
C ASP B 344 -28.50 -7.48 -8.90
N LEU B 345 -27.33 -7.45 -8.27
CA LEU B 345 -26.08 -7.78 -8.95
C LEU B 345 -25.87 -9.28 -8.97
N ASP B 346 -25.14 -9.75 -9.98
CA ASP B 346 -24.82 -11.16 -10.10
C ASP B 346 -23.58 -11.41 -9.25
N THR B 347 -23.78 -12.02 -8.10
CA THR B 347 -22.71 -12.28 -7.15
C THR B 347 -22.12 -13.67 -7.31
N ARG B 348 -22.47 -14.39 -8.38
CA ARG B 348 -21.93 -15.72 -8.58
C ARG B 348 -20.51 -15.71 -9.11
N THR B 349 -20.11 -14.62 -9.78
CA THR B 349 -18.79 -14.53 -10.37
C THR B 349 -18.14 -13.20 -10.00
N THR B 350 -16.86 -13.25 -9.70
CA THR B 350 -16.16 -12.03 -9.31
C THR B 350 -16.04 -11.03 -10.45
N SER B 351 -16.04 -11.50 -11.71
CA SER B 351 -15.67 -10.61 -12.79
C SER B 351 -16.77 -9.63 -13.18
N SER B 352 -17.97 -9.76 -12.62
CA SER B 352 -18.94 -8.69 -12.76
C SER B 352 -18.61 -7.49 -11.90
N LEU B 353 -17.64 -7.63 -10.99
CA LEU B 353 -17.23 -6.57 -10.07
C LEU B 353 -18.37 -6.13 -9.18
N TRP B 354 -19.23 -7.06 -8.80
CA TRP B 354 -20.31 -6.75 -7.87
C TRP B 354 -19.77 -6.23 -6.53
N LYS B 355 -18.64 -6.76 -6.07
CA LYS B 355 -18.06 -6.26 -4.83
C LYS B 355 -17.72 -4.79 -4.97
N ASP B 356 -17.08 -4.43 -6.08
CA ASP B 356 -16.70 -3.04 -6.31
C ASP B 356 -17.94 -2.14 -6.42
N LYS B 357 -18.94 -2.59 -7.19
CA LYS B 357 -20.12 -1.77 -7.39
C LYS B 357 -20.88 -1.56 -6.09
N ALA B 358 -21.04 -2.64 -5.32
CA ALA B 358 -21.73 -2.53 -4.04
C ALA B 358 -20.96 -1.65 -3.07
N ALA B 359 -19.63 -1.77 -3.04
CA ALA B 359 -18.85 -0.96 -2.12
C ALA B 359 -18.93 0.51 -2.47
N VAL B 360 -18.92 0.83 -3.77
CA VAL B 360 -19.06 2.23 -4.15
C VAL B 360 -20.39 2.78 -3.65
N GLU B 361 -21.47 2.01 -3.81
CA GLU B 361 -22.77 2.52 -3.42
C GLU B 361 -22.89 2.68 -1.91
N ILE B 362 -22.17 1.85 -1.15
CA ILE B 362 -22.19 1.97 0.29
C ILE B 362 -21.47 3.25 0.72
N ASN B 363 -20.33 3.54 0.09
CA ASN B 363 -19.63 4.79 0.37
C ASN B 363 -20.48 5.99 -0.03
N VAL B 364 -21.22 5.87 -1.14
CA VAL B 364 -22.17 6.94 -1.49
C VAL B 364 -23.19 7.11 -0.39
N ALA B 365 -23.72 6.01 0.15
CA ALA B 365 -24.72 6.12 1.19
C ALA B 365 -24.15 6.84 2.42
N VAL B 366 -22.90 6.52 2.81
CA VAL B 366 -22.28 7.18 3.95
C VAL B 366 -22.14 8.67 3.69
N LEU B 367 -21.60 9.03 2.51
CA LEU B 367 -21.41 10.44 2.19
C LEU B 367 -22.73 11.18 2.14
N HIS B 368 -23.70 10.63 1.43
CA HIS B 368 -25.02 11.24 1.35
C HIS B 368 -25.65 11.38 2.72
N SER B 369 -25.51 10.35 3.55
CA SER B 369 -26.20 10.32 4.84
C SER B 369 -25.59 11.31 5.83
N TYR B 370 -24.25 11.36 5.91
CA TYR B 370 -23.63 12.36 6.78
C TYR B 370 -23.95 13.77 6.30
N GLN B 371 -23.95 13.99 4.99
CA GLN B 371 -24.29 15.31 4.49
C GLN B 371 -25.75 15.66 4.80
N LEU B 372 -26.64 14.70 4.62
CA LEU B 372 -28.04 14.93 4.97
C LEU B 372 -28.20 15.26 6.45
N ALA B 373 -27.47 14.55 7.30
CA ALA B 373 -27.52 14.79 8.73
C ALA B 373 -26.69 16.00 9.15
N LYS B 374 -26.04 16.68 8.19
CA LYS B 374 -25.19 17.84 8.45
C LYS B 374 -24.10 17.51 9.47
N VAL B 375 -23.46 16.37 9.26
CA VAL B 375 -22.33 15.93 10.05
C VAL B 375 -21.10 15.95 9.17
N THR B 376 -20.08 16.67 9.60
CA THR B 376 -18.84 16.78 8.85
C THR B 376 -18.32 15.41 8.44
N ILE B 377 -17.96 15.28 7.17
CA ILE B 377 -17.31 14.08 6.65
C ILE B 377 -16.54 14.51 5.43
N VAL B 378 -15.51 13.75 5.09
CA VAL B 378 -14.70 14.06 3.93
C VAL B 378 -14.58 12.79 3.09
N ASP B 379 -14.76 12.93 1.79
CA ASP B 379 -14.56 11.77 0.95
C ASP B 379 -13.06 11.57 0.72
N HIS B 380 -12.71 10.39 0.24
CA HIS B 380 -11.29 10.06 0.10
C HIS B 380 -10.62 10.82 -1.03
N HIS B 381 -11.38 11.32 -2.02
CA HIS B 381 -10.76 12.16 -3.04
C HIS B 381 -10.37 13.51 -2.46
N ALA B 382 -11.31 14.18 -1.79
CA ALA B 382 -10.97 15.46 -1.17
C ALA B 382 -9.86 15.28 -0.14
N ALA B 383 -9.93 14.21 0.65
CA ALA B 383 -8.94 13.99 1.71
C ALA B 383 -7.56 13.80 1.13
N THR B 384 -7.43 12.92 0.13
CA THR B 384 -6.10 12.68 -0.42
C THR B 384 -5.58 13.89 -1.18
N ALA B 385 -6.46 14.67 -1.81
CA ALA B 385 -6.01 15.91 -2.45
C ALA B 385 -5.44 16.86 -1.40
N SER B 386 -6.13 16.99 -0.27
CA SER B 386 -5.62 17.88 0.76
C SER B 386 -4.32 17.33 1.36
N PHE B 387 -4.19 16.00 1.46
CA PHE B 387 -2.94 15.46 1.98
C PHE B 387 -1.77 15.78 1.06
N MET B 388 -2.01 15.77 -0.26
CA MET B 388 -0.95 16.17 -1.19
C MET B 388 -0.53 17.61 -0.93
N LYS B 389 -1.48 18.50 -0.71
CA LYS B 389 -1.15 19.87 -0.32
C LYS B 389 -0.37 19.89 0.99
N HIS B 390 -0.77 19.05 1.95
CA HIS B 390 -0.03 18.98 3.19
C HIS B 390 1.41 18.52 2.97
N LEU B 391 1.63 17.52 2.11
CA LEU B 391 3.00 17.12 1.78
C LEU B 391 3.78 18.28 1.20
N GLU B 392 3.15 19.05 0.31
CA GLU B 392 3.79 20.23 -0.25
C GLU B 392 4.11 21.25 0.84
N ASN B 393 3.16 21.53 1.72
CA ASN B 393 3.40 22.45 2.83
C ASN B 393 4.57 21.98 3.69
N GLU B 394 4.62 20.69 3.99
CA GLU B 394 5.62 20.17 4.93
C GLU B 394 6.99 20.08 4.29
N GLN B 395 7.05 19.89 2.98
CA GLN B 395 8.33 19.94 2.30
C GLN B 395 8.98 21.31 2.49
N LYS B 396 8.18 22.36 2.35
CA LYS B 396 8.71 23.70 2.55
C LYS B 396 8.99 23.98 4.02
N ALA B 397 8.11 23.54 4.92
CA ALA B 397 8.26 23.89 6.33
C ALA B 397 9.36 23.09 7.00
N ARG B 398 9.44 21.78 6.73
CA ARG B 398 10.35 20.91 7.45
C ARG B 398 11.26 20.07 6.56
N GLY B 399 11.14 20.18 5.24
CA GLY B 399 11.96 19.37 4.37
C GLY B 399 11.53 17.93 4.30
N GLY B 400 10.27 17.64 4.59
CA GLY B 400 9.80 16.28 4.46
C GLY B 400 8.53 16.10 5.26
N CYS B 401 8.05 14.89 5.24
CA CYS B 401 6.80 14.54 5.90
C CYS B 401 6.75 13.03 6.07
N PRO B 402 6.75 12.52 7.31
CA PRO B 402 6.62 11.07 7.49
C PRO B 402 5.23 10.62 7.08
N ALA B 403 5.18 9.61 6.23
CA ALA B 403 3.89 9.11 5.75
C ALA B 403 3.99 7.62 5.50
N ASP B 404 2.93 6.92 5.87
CA ASP B 404 2.82 5.49 5.73
C ASP B 404 1.92 5.23 4.51
N TRP B 405 2.54 4.91 3.38
CA TRP B 405 1.81 4.79 2.10
C TRP B 405 0.60 3.88 2.23
N ALA B 406 0.79 2.69 2.82
CA ALA B 406 -0.30 1.72 2.93
C ALA B 406 -1.50 2.26 3.71
N TRP B 407 -1.29 3.22 4.60
CA TRP B 407 -2.40 3.78 5.38
C TRP B 407 -2.95 5.04 4.77
N ILE B 408 -2.12 5.77 4.02
CA ILE B 408 -2.56 6.99 3.38
C ILE B 408 -3.44 6.69 2.17
N VAL B 409 -3.04 5.73 1.35
CA VAL B 409 -3.83 5.32 0.18
C VAL B 409 -5.14 4.73 0.65
N PRO B 410 -6.29 5.26 0.24
CA PRO B 410 -7.57 4.77 0.76
C PRO B 410 -7.85 3.35 0.32
N PRO B 411 -8.80 2.68 0.98
CA PRO B 411 -9.01 1.25 0.74
C PRO B 411 -9.87 0.94 -0.46
N ILE B 412 -10.50 1.93 -1.07
CA ILE B 412 -11.07 1.77 -2.40
C ILE B 412 -10.44 2.85 -3.26
N SER B 413 -10.36 2.58 -4.57
CA SER B 413 -10.01 3.57 -5.57
C SER B 413 -8.62 4.15 -5.36
N GLY B 414 -7.73 3.34 -4.81
CA GLY B 414 -6.35 3.73 -4.57
C GLY B 414 -5.70 4.59 -5.64
N SER B 415 -5.56 4.07 -6.87
CA SER B 415 -4.82 4.81 -7.89
C SER B 415 -5.64 5.93 -8.51
N LEU B 416 -6.93 6.01 -8.20
CA LEU B 416 -7.69 7.19 -8.58
C LEU B 416 -7.39 8.37 -7.68
N THR B 417 -6.63 8.15 -6.55
CA THR B 417 -6.28 9.27 -5.72
C THR B 417 -4.82 9.64 -5.93
N PRO B 418 -4.49 10.92 -5.74
CA PRO B 418 -3.12 11.37 -5.99
C PRO B 418 -2.08 10.68 -5.10
N VAL B 419 -2.44 10.25 -3.88
CA VAL B 419 -1.42 9.73 -2.97
C VAL B 419 -0.86 8.41 -3.46
N PHE B 420 -1.64 7.65 -4.23
CA PHE B 420 -1.18 6.38 -4.75
C PHE B 420 0.12 6.54 -5.54
N HIS B 421 0.22 7.62 -6.30
CA HIS B 421 1.34 7.85 -7.21
C HIS B 421 2.48 8.61 -6.55
N GLN B 422 2.39 8.80 -5.23
CA GLN B 422 3.32 9.61 -4.47
C GLN B 422 4.15 8.67 -3.61
N GLU B 423 5.45 8.59 -3.89
CA GLU B 423 6.34 7.86 -2.99
C GLU B 423 6.37 8.56 -1.64
N MET B 424 6.47 7.76 -0.59
CA MET B 424 6.44 8.28 0.77
C MET B 424 7.55 7.62 1.58
N VAL B 425 8.02 8.36 2.58
CA VAL B 425 9.05 7.91 3.51
C VAL B 425 8.41 7.84 4.88
N ASN B 426 8.48 6.66 5.51
CA ASN B 426 7.87 6.45 6.81
C ASN B 426 8.95 6.45 7.88
N TYR B 427 8.77 7.28 8.90
CA TYR B 427 9.74 7.36 9.99
C TYR B 427 9.06 7.99 11.20
N PHE B 428 9.65 7.78 12.37
CA PHE B 428 9.04 8.17 13.64
C PHE B 428 9.67 9.45 14.14
N LEU B 429 8.84 10.48 14.30
CA LEU B 429 9.25 11.72 14.93
C LEU B 429 8.52 11.88 16.26
N SER B 430 9.14 12.60 17.18
CA SER B 430 8.49 12.98 18.42
C SER B 430 8.33 14.49 18.46
N PRO B 431 7.25 15.03 19.05
CA PRO B 431 6.09 14.39 19.72
C PRO B 431 5.32 13.39 18.86
N ALA B 432 4.62 12.46 19.50
CA ALA B 432 4.03 11.37 18.74
C ALA B 432 2.83 10.81 19.46
N PHE B 433 1.91 10.28 18.68
CA PHE B 433 0.92 9.33 19.16
C PHE B 433 1.43 7.92 18.91
N ARG B 434 1.33 7.07 19.92
CA ARG B 434 1.93 5.74 19.91
C ARG B 434 0.88 4.75 20.36
N TYR B 435 0.96 3.54 19.82
CA TYR B 435 0.23 2.42 20.39
C TYR B 435 0.79 2.10 21.77
N GLN B 436 -0.08 1.60 22.63
CA GLN B 436 0.37 1.17 23.95
C GLN B 436 -0.37 -0.11 24.27
N PRO B 437 0.17 -0.92 25.18
CA PRO B 437 -0.51 -2.15 25.58
C PRO B 437 -1.87 -1.86 26.20
N ASP B 438 -2.78 -2.79 26.00
CA ASP B 438 -4.07 -2.70 26.66
C ASP B 438 -3.88 -2.87 28.17
N PRO B 439 -4.55 -2.06 28.98
CA PRO B 439 -4.30 -2.08 30.43
C PRO B 439 -4.82 -3.31 31.16
N TRP B 440 -5.52 -4.23 30.49
CA TRP B 440 -5.96 -5.46 31.13
C TRP B 440 -5.07 -6.67 30.85
N LYS B 441 -4.08 -6.53 29.97
CA LYS B 441 -3.20 -7.65 29.64
C LYS B 441 -1.94 -7.68 30.52
CHA HEM C . 4.36 -7.96 -11.73
CHB HEM C . 0.20 -10.25 -12.67
CHC HEM C . 2.79 -13.75 -14.83
CHD HEM C . 6.93 -11.73 -13.37
C1A HEM C . 3.02 -8.22 -11.92
C2A HEM C . 1.95 -7.27 -11.71
C3A HEM C . 0.78 -7.87 -11.97
C4A HEM C . 1.08 -9.24 -12.33
CMA HEM C . -0.60 -7.20 -11.88
CAA HEM C . 2.18 -5.81 -11.32
CBA HEM C . 2.57 -5.16 -12.66
CGA HEM C . 2.33 -3.69 -12.65
O1A HEM C . 1.44 -3.23 -11.88
O2A HEM C . 2.99 -2.94 -13.43
C1B HEM C . 0.55 -11.39 -13.34
C2B HEM C . -0.38 -12.35 -13.89
C3B HEM C . 0.32 -13.33 -14.47
C4B HEM C . 1.73 -13.02 -14.33
CMB HEM C . -1.91 -12.25 -13.79
CAB HEM C . -0.34 -14.54 -15.18
CBB HEM C . 0.33 -15.66 -15.48
C1C HEM C . 4.14 -13.48 -14.71
C2C HEM C . 5.24 -14.20 -15.32
C3C HEM C . 6.38 -13.62 -14.90
C4C HEM C . 6.03 -12.56 -14.01
CMC HEM C . 5.08 -15.39 -16.29
CAC HEM C . 7.85 -13.97 -15.22
CBC HEM C . 8.25 -15.17 -15.66
C1D HEM C . 6.58 -10.53 -12.81
C2D HEM C . 7.51 -9.55 -12.29
C3D HEM C . 6.81 -8.51 -11.82
C4D HEM C . 5.40 -8.80 -12.04
CMD HEM C . 9.05 -9.72 -12.28
CAD HEM C . 7.43 -7.25 -11.19
CBD HEM C . 7.38 -6.13 -12.23
CGD HEM C . 8.09 -4.87 -11.78
O1D HEM C . 8.72 -4.89 -10.68
O2D HEM C . 8.02 -3.86 -12.54
NA HEM C . 2.45 -9.42 -12.30
NB HEM C . 1.84 -11.83 -13.64
NC HEM C . 4.67 -12.50 -13.93
ND HEM C . 5.30 -10.03 -12.64
FE HEM C . 3.64 -11.13 -12.78
N1 H4B D . 1.41 -1.44 -7.64
C2 H4B D . 1.46 -2.01 -8.86
N2 H4B D . 1.00 -3.28 -9.05
N3 H4B D . 1.98 -1.32 -9.90
C4 H4B D . 2.44 -0.07 -9.75
O4 H4B D . 2.91 0.52 -10.75
C4A H4B D . 2.42 0.52 -8.50
C8A H4B D . 1.88 -0.18 -7.43
N5 H4B D . 2.89 1.76 -8.29
N8 H4B D . 1.83 0.37 -6.19
C6 H4B D . 3.31 2.12 -6.96
C7 H4B D . 2.23 1.75 -5.93
C9 H4B D . 3.70 3.59 -6.92
O9 H4B D . 2.63 4.44 -7.37
C10 H4B D . 4.04 3.97 -5.50
C11 H4B D . 4.61 5.40 -5.54
O10 H4B D . 4.98 3.02 -4.97
C02 A1BT1 E . 4.29 -10.46 -17.94
C03 A1BT1 E . 3.62 -9.28 -17.65
C04 A1BT1 E . 2.52 -9.59 -16.86
C05 A1BT1 E . 2.51 -10.97 -16.66
C06 A1BT1 E . 1.51 -8.64 -16.28
C11 A1BT1 E . 3.09 -6.89 -15.73
C12 A1BT1 E . 4.05 -7.68 -15.09
C13 A1BT1 E . 5.34 -7.23 -14.88
C14 A1BT1 E . 5.69 -5.94 -15.26
C15 A1BT1 E . 4.75 -5.13 -15.88
C16 A1BT1 E . 3.45 -5.59 -16.12
C17 A1BT1 E . 5.20 -3.74 -16.26
C19 A1BT1 E . 6.28 -1.78 -15.29
C20 A1BT1 E . 6.68 -1.10 -13.99
C21 A1BT1 E . 7.24 0.28 -14.30
C22 A1BT1 E . 8.49 0.64 -13.82
C23 A1BT1 E . 9.01 1.91 -14.11
C24 A1BT1 E . 8.26 2.81 -14.88
C25 A1BT1 E . 7.00 2.45 -15.34
C26 A1BT1 E . 6.49 1.18 -15.06
C28 A1BT1 E . 9.40 4.32 -16.28
C32 A1BT1 E . 9.68 6.66 -17.32
C33 A1BT1 E . 10.04 5.66 -16.42
C34 A1BT1 E . 11.11 6.14 -15.67
C35 A1BT1 E . 11.39 7.41 -16.10
N07 A1BT1 E . 1.83 -7.37 -15.95
N08 A1BT1 E . 0.34 -9.05 -16.06
N18 A1BT1 E . 5.60 -3.05 -15.00
N27 A1BT1 E . 8.74 4.04 -15.16
N29 A1BT1 E . 9.47 3.49 -17.23
O01 A1BT1 E . 3.60 -11.50 -17.34
O31 A1BT1 E . 10.52 7.73 -17.11
C ACT F . -4.04 -15.85 -12.01
O ACT F . -4.65 -15.86 -13.11
OXT ACT F . -4.57 -16.18 -10.92
CH3 ACT F . -2.57 -15.53 -12.02
C ACT G . 2.40 0.18 -18.56
O ACT G . 1.55 -0.35 -19.33
OXT ACT G . 3.25 0.98 -18.98
CH3 ACT G . 2.39 -0.15 -17.10
C1 BTB H . -22.30 11.44 -23.54
O1 BTB H . -21.75 11.82 -24.81
C2 BTB H . -23.77 11.82 -23.38
C3 BTB H . -23.87 12.46 -21.99
O3 BTB H . -25.13 13.07 -21.61
C4 BTB H . -24.15 12.81 -24.49
O4 BTB H . -24.74 14.03 -24.01
N BTB H . -24.62 10.62 -23.52
C5 BTB H . -25.07 10.08 -22.23
C6 BTB H . -26.22 9.10 -22.44
O6 BTB H . -27.23 9.71 -23.24
C7 BTB H . -23.98 9.54 -24.31
C8 BTB H . -24.64 9.45 -25.68
O8 BTB H . -25.61 10.48 -25.84
C1 BTB I . -11.89 19.06 -13.77
O1 BTB I . -10.82 18.55 -14.57
C2 BTB I . -12.85 19.79 -14.69
C3 BTB I . -12.17 21.04 -15.22
O3 BTB I . -11.12 20.59 -16.08
C4 BTB I . -13.15 18.94 -15.92
O4 BTB I . -11.92 18.55 -16.55
N BTB I . -14.10 20.15 -13.99
C5 BTB I . -13.90 20.18 -12.52
C6 BTB I . -14.22 21.56 -11.97
O6 BTB I . -13.75 22.55 -12.90
C7 BTB I . -15.19 19.20 -14.30
C8 BTB I . -16.55 19.84 -14.04
O8 BTB I . -16.46 21.26 -14.27
C1 BTB J . 16.49 -29.49 -27.48
O1 BTB J . 16.08 -28.66 -28.57
C2 BTB J . 16.62 -28.75 -26.14
C3 BTB J . 15.27 -28.21 -25.65
O3 BTB J . 14.68 -29.08 -24.68
C4 BTB J . 17.13 -29.76 -25.12
O4 BTB J . 16.04 -30.50 -24.54
N BTB J . 17.55 -27.59 -26.22
C5 BTB J . 16.80 -26.37 -26.63
C6 BTB J . 17.72 -25.21 -27.01
O6 BTB J . 17.88 -25.14 -28.43
C7 BTB J . 18.66 -27.79 -27.17
C8 BTB J . 19.89 -28.37 -26.49
O8 BTB J . 19.87 -28.03 -25.10
C1 GOL K . 28.78 -2.68 -38.17
O1 GOL K . 27.46 -2.73 -37.70
C2 GOL K . 29.73 -2.73 -36.96
O2 GOL K . 30.67 -1.69 -37.05
C3 GOL K . 30.44 -4.08 -36.99
O3 GOL K . 29.46 -5.07 -37.25
C1 GOL L . 5.39 3.17 -12.34
O1 GOL L . 5.84 2.11 -11.54
C2 GOL L . 4.40 3.99 -11.54
O2 GOL L . 3.38 3.15 -11.03
C3 GOL L . 3.82 5.03 -12.48
O3 GOL L . 2.76 5.72 -11.86
GD GD M . -26.85 12.41 -23.41
ZN ZN N . 10.27 -0.77 4.81
CHA HEM O . -5.21 7.94 11.39
CHB HEM O . -8.23 10.88 8.96
CHC HEM O . -7.86 14.08 12.56
CHD HEM O . -4.28 11.50 14.56
C1A HEM O . -6.15 8.42 10.52
C2A HEM O . -6.80 7.63 9.48
C3A HEM O . -7.64 8.45 8.83
C4A HEM O . -7.53 9.77 9.39
CMA HEM O . -8.57 8.10 7.65
CAA HEM O . -6.58 6.12 9.28
CBA HEM O . -7.39 5.48 10.41
CGA HEM O . -7.65 4.02 10.20
O1A HEM O . -7.68 3.57 9.04
O2A HEM O . -7.89 3.29 11.19
C1B HEM O . -8.41 12.01 9.72
C2B HEM O . -9.32 13.08 9.42
C3B HEM O . -9.23 13.99 10.38
C4B HEM O . -8.25 13.49 11.37
CMB HEM O . -10.22 13.13 8.16
CAB HEM O . -10.08 15.29 10.42
CBB HEM O . -9.79 16.34 11.20
C1C HEM O . -6.91 13.60 13.44
C2C HEM O . -6.58 14.23 14.70
C3C HEM O . -5.59 13.52 15.28
C4C HEM O . -5.26 12.44 14.36
CMC HEM O . -7.33 15.46 15.24
CAC HEM O . -4.83 13.73 16.61
CBC HEM O . -4.79 14.93 17.23
C1D HEM O . -4.24 10.30 13.88
C2D HEM O . -3.36 9.21 14.18
C3D HEM O . -3.60 8.22 13.30
C4D HEM O . -4.65 8.67 12.42
CMD HEM O . -2.34 9.24 15.36
CAD HEM O . -2.90 6.84 13.27
CBD HEM O . -3.82 5.84 13.96
CGD HEM O . -3.23 4.44 13.96
O1D HEM O . -2.01 4.29 13.68
O2D HEM O . -3.98 3.48 14.26
NA HEM O . -6.62 9.72 10.44
NB HEM O . -7.77 12.29 10.90
NC HEM O . -6.07 12.53 13.26
ND HEM O . -5.01 9.96 12.79
FE HEM O . -6.10 11.29 11.64
N1 H4B P . -4.74 1.73 6.05
C2 H4B P . -5.59 2.33 6.93
N2 H4B P . -5.89 3.64 6.76
N3 H4B P . -6.13 1.64 7.95
C4 H4B P . -5.85 0.34 8.16
O4 H4B P . -6.35 -0.27 9.13
C4A H4B P . -4.98 -0.28 7.29
C8A H4B P . -4.44 0.42 6.22
N5 H4B P . -4.69 -1.57 7.47
N8 H4B P . -3.59 -0.19 5.36
C6 H4B P . -3.48 -2.10 6.87
C7 H4B P . -3.29 -1.61 5.44
C9 H4B P . -3.41 -3.62 7.03
O9 H4B P . -4.60 -4.29 6.57
C10 H4B P . -2.19 -4.12 6.30
C11 H4B P . -1.97 -5.60 6.58
O10 H4B P . -1.08 -3.36 6.78
C02 A1BT1 Q . -9.79 10.81 15.41
C03 A1BT1 Q . -10.17 9.73 14.65
C04 A1BT1 Q . -10.13 10.16 13.33
C05 A1BT1 Q . -9.74 11.48 13.28
C06 A1BT1 Q . -10.44 9.34 12.13
C11 A1BT1 Q . -9.27 7.35 12.84
C12 A1BT1 Q . -8.06 7.95 13.19
C13 A1BT1 Q . -7.14 7.33 14.00
C14 A1BT1 Q . -7.37 6.03 14.39
C15 A1BT1 Q . -8.56 5.41 14.06
C16 A1BT1 Q . -9.51 6.05 13.27
C17 A1BT1 Q . -8.67 3.99 14.55
C19 A1BT1 Q . -7.16 2.05 14.68
C20 A1BT1 Q . -6.69 1.05 13.62
C21 A1BT1 Q . -6.56 -0.31 14.26
C22 A1BT1 Q . -5.44 -0.59 15.05
C23 A1BT1 Q . -5.31 -1.84 15.63
C24 A1BT1 Q . -6.30 -2.81 15.45
C25 A1BT1 Q . -7.40 -2.54 14.66
C26 A1BT1 Q . -7.54 -1.29 14.07
C28 A1BT1 Q . -6.18 -4.21 17.36
C32 A1BT1 Q . -7.81 -5.87 18.40
C33 A1BT1 Q . -6.55 -5.52 17.95
C34 A1BT1 Q . -5.70 -6.60 18.17
C35 A1BT1 Q . -6.44 -7.60 18.75
N07 A1BT1 Q . -10.16 8.03 12.07
N08 A1BT1 Q . -10.98 9.94 11.16
N18 A1BT1 Q . -7.42 3.34 14.05
N27 A1BT1 Q . -6.18 -4.04 16.03
N29 A1BT1 Q . -5.85 -3.27 18.14
O01 A1BT1 Q . -9.52 11.88 14.58
O31 A1BT1 Q . -7.73 -7.16 18.90
C ACT R . -9.67 16.86 5.74
O ACT R . -10.91 17.02 5.83
OXT ACT R . -9.04 17.09 4.68
CH3 ACT R . -8.90 16.45 6.96
C ACT S . -12.54 0.53 13.72
O ACT S . -13.56 1.25 13.63
OXT ACT S . -12.46 -0.43 14.52
CH3 ACT S . -11.35 0.83 12.85
C1 BTB T . -36.28 7.23 -9.75
O1 BTB T . -36.21 6.74 -11.08
C2 BTB T . -35.45 6.32 -8.85
C3 BTB T . -34.07 6.12 -9.48
O3 BTB T . -33.31 5.15 -8.75
C4 BTB T . -35.28 7.06 -7.52
O4 BTB T . -34.67 6.19 -6.58
N BTB T . -36.06 4.98 -8.61
C5 BTB T . -35.95 4.06 -9.77
C6 BTB T . -36.30 2.65 -9.32
O6 BTB T . -35.17 2.06 -8.68
C7 BTB T . -37.45 5.02 -8.11
C8 BTB T . -37.48 4.66 -6.62
O8 BTB T . -36.96 3.33 -6.39
C1 BTB U . -6.91 0.46 47.05
O1 BTB U . -7.03 -0.56 48.06
C2 BTB U . -7.93 1.59 47.23
C3 BTB U . -7.84 2.18 48.64
O3 BTB U . -8.66 3.35 48.69
C4 BTB U . -7.68 2.70 46.23
O4 BTB U . -8.83 3.56 46.26
N BTB U . -9.31 1.12 46.95
C5 BTB U . -10.00 0.58 48.12
C6 BTB U . -11.28 1.40 48.31
O6 BTB U . -11.06 2.69 47.72
C7 BTB U . -9.27 0.12 45.87
C8 BTB U . -10.42 0.49 44.96
O8 BTB U . -10.59 1.89 45.17
C1 GOL V . -5.46 25.54 32.22
O1 GOL V . -6.56 24.96 32.90
C2 GOL V . -5.96 26.42 31.09
O2 GOL V . -6.14 25.67 29.90
C3 GOL V . -4.96 27.54 30.84
O3 GOL V . -5.39 28.35 29.75
C1 GOL W . -7.86 -5.29 8.82
O1 GOL W . -6.68 -5.26 8.05
C2 GOL W . -7.72 -4.94 10.31
O2 GOL W . -8.99 -4.62 10.83
C3 GOL W . -6.69 -3.87 10.66
O3 GOL W . -6.43 -3.01 9.57
C1 GOL X . -22.46 -17.03 -0.79
O1 GOL X . -21.43 -17.58 -1.58
C2 GOL X . -21.88 -16.53 0.53
O2 GOL X . -20.73 -17.27 0.87
C3 GOL X . -22.93 -16.69 1.64
O3 GOL X . -24.18 -16.28 1.15
GD GD Y . -34.34 3.72 -6.80
#